data_7BXT
#
_entry.id   7BXT
#
_cell.length_a   1.00
_cell.length_b   1.00
_cell.length_c   1.00
_cell.angle_alpha   90.00
_cell.angle_beta   90.00
_cell.angle_gamma   90.00
#
_symmetry.space_group_name_H-M   'P 1'
#
loop_
_entity.id
_entity.type
_entity.pdbx_description
1 polymer 'Histone H3,Histone H3-like centromeric protein A'
2 polymer 'Histone H4'
3 polymer 'Histone H2A type 1-B/E'
4 polymer 'Histone H2B type 2-E'
5 polymer 'DNA (145-mer)'
6 polymer 'DNA (145-mer)'
7 polymer CENP-C
8 polymer 'Maltodextrin-binding protein,Centromere protein N'
#
loop_
_entity_poly.entity_id
_entity_poly.type
_entity_poly.pdbx_seq_one_letter_code
_entity_poly.pdbx_strand_id
1 'polypeptide(L)'
;GSHMARTKQTARKSTGGKAPRKQLATKAARKSAPATGGVKKPHRYRPGTVALREIRRYQKSTELLIRRQPFARVVREICL
LFTRGVDYRWQAMALLALQEAAEAFLVHLLEDAYLCSLHARRVTLYPKDLQLARRLRGLQGEGF
;
A,E
2 'polypeptide(L)'
;GSHMSGRGKGGKGLGKGGAKRHRKVLRDNIQGITKPAIRRLARRGGVKRISGLIYEETRGVLKVFLENVIRDAVTYTEHA
KRKTVTAMDVVYALKRQGRTLYGFGG
;
B,F
3 'polypeptide(L)'
;GSHMSGRGKQGGKARAKAKTRSSRAGLQFPVGRVHRLLRKGNYSERVGAGAPVYLAAVLEYLTAEILELAGNAARDNKKT
RIIPRHLQLAIRNDEELNKLLGRVTIAQGGVLPNIQAVLLPKKTESHHKAKGK
;
C,G
4 'polypeptide(L)'
;GSHMPEPAKSAPAPKKGSKKAVTKAQKKDGKKRKRSRKESYSIYVYKVLKQVHPDTGISSKAMGIMNSFVNDIFERIAGE
ASRLAHYNKRSTITSREIQTAVRLLLPGELAKHAVSEGTKAVTKYTSSK
;
D,H
5 'polydeoxyribonucleotide'
;(DA)(DT)(DC)(DA)(DG)(DA)(DA)(DT)(DC)(DC)(DC)(DG)(DG)(DT)(DG)(DC)(DC)(DG)(DA)(DG)
(DG)(DC)(DC)(DG)(DC)(DT)(DC)(DA)(DA)(DT)(DT)(DG)(DG)(DT)(DC)(DG)(DT)(DA)(DG)(DA)
(DC)(DA)(DG)(DC)(DT)(DC)(DT)(DA)(DG)(DC)(DA)(DC)(DC)(DG)(DC)(DT)(DT)(DA)(DA)(DA)
(DC)(DG)(DC)(DA)(DC)(DG)(DT)(DA)(DC)(DG)(DC)(DG)(DC)(DT)(DG)(DT)(DC)(DC)(DC)(DC)
(DC)(DG)(DC)(DG)(DT)(DT)(DT)(DT)(DA)(DA)(DC)(DC)(DG)(DC)(DC)(DA)(DA)(DG)(DG)(DG)
(DG)(DA)(DT)(DT)(DA)(DC)(DT)(DC)(DC)(DC)(DT)(DA)(DG)(DT)(DC)(DT)(DC)(DC)(DA)(DG)
(DG)(DC)(DA)(DC)(DG)(DA)(DG)(DT)(DC)(DA)(DG)(DA)(DT)(DA)(DT)(DA)(DT)(DA)(DC)(DA)
(DT)(DC)(DG)(DA)(DT)
;
I
6 'polydeoxyribonucleotide'
;(DA)(DT)(DC)(DG)(DA)(DT)(DG)(DT)(DA)(DT)(DA)(DT)(DA)(DT)(DC)(DT)(DG)(DA)(DC)(DT)
(DC)(DG)(DT)(DG)(DC)(DC)(DT)(DG)(DG)(DA)(DG)(DA)(DC)(DT)(DA)(DG)(DG)(DG)(DA)(DG)
(DT)(DA)(DA)(DT)(DC)(DC)(DC)(DC)(DT)(DT)(DG)(DG)(DC)(DG)(DG)(DT)(DT)(DA)(DA)(DA)
(DA)(DC)(DG)(DC)(DG)(DG)(DG)(DG)(DG)(DA)(DC)(DA)(DG)(DC)(DG)(DC)(DG)(DT)(DA)(DC)
(DG)(DT)(DG)(DC)(DG)(DT)(DT)(DT)(DA)(DA)(DG)(DC)(DG)(DG)(DT)(DG)(DC)(DT)(DA)(DG)
(DA)(DG)(DC)(DT)(DG)(DT)(DC)(DT)(DA)(DC)(DG)(DA)(DC)(DC)(DA)(DA)(DT)(DT)(DG)(DA)
(DG)(DC)(DG)(DG)(DC)(DC)(DT)(DC)(DG)(DG)(DC)(DA)(DC)(DC)(DG)(DG)(DG)(DA)(DT)(DT)
(DC)(DT)(DG)(DA)(DT)
;
J
7 'polypeptide(L)' QKIVLPSNTPNVRRTKRIRLKPLEYWRGERVTYTLKPSGRL K,L
8 'polypeptide(L)'
;MKIEEGKLVIWINGDKGYNGLAEVGKKFEKDTGIKVTVEHPDKLEEKFPQVAATGDGPDIIFWAHDRFGGYAQSGLLAEI
TPDKAFQDKLYPFTWDAVRYNGKLIAYPIAVEALSLIYNKDLLPNPPKTWEEIPALDKELKAKGKSALMFNLQEPYFTWP
LIAADGGYAFKYENGKYDIKDVGVDNAGAKAGLTFLVDLIKNKHMNADTDYSIAEAAFNKGETAMTINGPWAWSNIDTSK
VNYGVTVLPTFKGQPSKPFVGVLSAGINAASPNKELAKEFLENYLLTDEGLEAVNKDKPLGAVALKSYEEELAKDPRIAA
TMENAQKGEIMPNIPQMSAFWYAVRTAVINAASGRQTVDEALKDAQTNSSSNNNNNNNNNNLGIEGRENLYFQGRENLYF
QGENLYFQGRIMDEVIVEYIRRTVLKIPRDEIMAVLQKWGFLSEAQLQTINFRQTKEGISHSVAQLCEESSADLKQAALL
DIIYNHIYPNKRVWSVYHMNKTGEETDFFDFRDFKKKFRRQIQSALINVTINFREYEDNAIWIRIAWGTPYTKPNQYKTS
YVVYHSQTPYVFISASVLRSNLPLLCQAMVVASNYHDIHEMELRSHCLNSLKDIVFKRYSQNDPHHHHHH
;
M,N
#
loop_
_chem_comp.id
_chem_comp.type
_chem_comp.name
_chem_comp.formula
DA DNA linking 2'-DEOXYADENOSINE-5'-MONOPHOSPHATE 'C10 H14 N5 O6 P'
DC DNA linking 2'-DEOXYCYTIDINE-5'-MONOPHOSPHATE 'C9 H14 N3 O7 P'
DG DNA linking 2'-DEOXYGUANOSINE-5'-MONOPHOSPHATE 'C10 H14 N5 O7 P'
DT DNA linking THYMIDINE-5'-MONOPHOSPHATE 'C10 H15 N2 O8 P'
#
# COMPACT_ATOMS: atom_id res chain seq x y z
N LYS A 41 -55.36 -11.55 -25.92
CA LYS A 41 -54.30 -10.57 -25.74
C LYS A 41 -53.10 -11.15 -25.00
N PRO A 42 -51.90 -10.69 -25.34
CA PRO A 42 -50.72 -11.15 -24.59
C PRO A 42 -50.66 -10.50 -23.23
N HIS A 43 -49.70 -10.99 -22.44
CA HIS A 43 -49.49 -10.52 -21.07
C HIS A 43 -48.09 -9.96 -20.94
N ARG A 44 -48.01 -8.67 -20.61
CA ARG A 44 -46.75 -8.01 -20.37
C ARG A 44 -46.77 -7.44 -18.96
N TYR A 45 -45.65 -7.54 -18.27
CA TYR A 45 -45.54 -6.91 -16.96
C TYR A 45 -45.38 -5.40 -17.12
N ARG A 46 -45.41 -4.70 -16.01
CA ARG A 46 -44.90 -3.35 -16.02
C ARG A 46 -43.38 -3.41 -16.15
N PRO A 47 -42.78 -2.50 -16.91
CA PRO A 47 -41.33 -2.51 -17.05
C PRO A 47 -40.64 -2.15 -15.75
N GLY A 48 -39.56 -2.87 -15.47
CA GLY A 48 -38.89 -2.77 -14.19
C GLY A 48 -39.14 -4.02 -13.36
N THR A 49 -40.36 -4.52 -13.41
CA THR A 49 -40.73 -5.70 -12.64
C THR A 49 -40.17 -6.98 -13.23
N VAL A 50 -39.60 -6.94 -14.41
CA VAL A 50 -38.70 -7.99 -14.83
C VAL A 50 -37.34 -7.80 -14.18
N ALA A 51 -36.90 -6.56 -14.06
CA ALA A 51 -35.52 -6.29 -13.64
C ALA A 51 -35.30 -6.66 -12.19
N LEU A 52 -36.33 -6.59 -11.37
CA LEU A 52 -36.13 -6.92 -9.97
C LEU A 52 -35.95 -8.42 -9.79
N ARG A 53 -36.71 -9.22 -10.55
CA ARG A 53 -36.45 -10.65 -10.56
C ARG A 53 -35.10 -10.95 -11.17
N GLU A 54 -34.66 -10.12 -12.12
CA GLU A 54 -33.32 -10.28 -12.66
C GLU A 54 -32.25 -10.04 -11.61
N ILE A 55 -32.43 -9.02 -10.77
CA ILE A 55 -31.47 -8.74 -9.71
C ILE A 55 -31.46 -9.87 -8.70
N ARG A 56 -32.63 -10.28 -8.24
CA ARG A 56 -32.68 -11.33 -7.22
C ARG A 56 -32.34 -12.69 -7.79
N ARG A 57 -32.31 -12.84 -9.11
CA ARG A 57 -31.74 -14.03 -9.69
C ARG A 57 -30.23 -13.93 -9.86
N TYR A 58 -29.70 -12.73 -10.02
CA TYR A 58 -28.28 -12.60 -10.33
C TYR A 58 -27.39 -12.40 -9.12
N GLN A 59 -27.87 -11.77 -8.06
CA GLN A 59 -27.04 -11.59 -6.87
C GLN A 59 -26.78 -12.91 -6.18
N LYS A 60 -27.70 -13.86 -6.30
CA LYS A 60 -27.48 -15.19 -5.76
C LYS A 60 -26.53 -16.02 -6.60
N SER A 61 -26.37 -15.69 -7.87
CA SER A 61 -25.55 -16.47 -8.76
C SER A 61 -24.09 -16.05 -8.65
N THR A 62 -23.21 -17.03 -8.52
CA THR A 62 -21.78 -16.77 -8.44
C THR A 62 -21.03 -17.13 -9.71
N GLU A 63 -21.74 -17.18 -10.84
CA GLU A 63 -21.10 -17.49 -12.10
C GLU A 63 -20.28 -16.30 -12.59
N LEU A 64 -19.60 -16.47 -13.71
CA LEU A 64 -19.01 -15.36 -14.41
C LEU A 64 -20.04 -14.79 -15.37
N LEU A 65 -20.01 -13.48 -15.55
CA LEU A 65 -21.00 -12.84 -16.40
C LEU A 65 -20.45 -12.38 -17.73
N ILE A 66 -19.15 -12.54 -17.96
CA ILE A 66 -18.56 -12.25 -19.25
C ILE A 66 -18.15 -13.57 -19.87
N ARG A 67 -18.57 -13.80 -21.11
CA ARG A 67 -18.32 -15.08 -21.75
C ARG A 67 -16.85 -15.26 -22.06
N ARG A 68 -16.40 -16.51 -22.04
CA ARG A 68 -14.96 -16.80 -21.99
C ARG A 68 -14.27 -16.45 -23.30
N GLN A 69 -14.88 -16.79 -24.43
CA GLN A 69 -14.23 -16.51 -25.71
C GLN A 69 -14.06 -15.01 -26.01
N PRO A 70 -15.07 -14.13 -25.86
CA PRO A 70 -14.79 -12.73 -26.19
C PRO A 70 -13.86 -12.06 -25.21
N PHE A 71 -13.95 -12.43 -23.93
CA PHE A 71 -13.03 -11.82 -22.98
C PHE A 71 -11.62 -12.34 -23.18
N ALA A 72 -11.47 -13.60 -23.57
CA ALA A 72 -10.15 -14.11 -23.86
C ALA A 72 -9.56 -13.44 -25.08
N ARG A 73 -10.41 -13.13 -26.06
CA ARG A 73 -9.91 -12.41 -27.23
C ARG A 73 -9.52 -10.98 -26.88
N VAL A 74 -10.32 -10.31 -26.04
CA VAL A 74 -10.01 -8.91 -25.76
C VAL A 74 -8.85 -8.79 -24.79
N VAL A 75 -8.54 -9.84 -24.03
CA VAL A 75 -7.34 -9.79 -23.21
C VAL A 75 -6.12 -10.26 -23.98
N ARG A 76 -6.29 -11.04 -25.03
CA ARG A 76 -5.14 -11.34 -25.86
C ARG A 76 -4.83 -10.22 -26.83
N GLU A 77 -5.78 -9.33 -27.07
CA GLU A 77 -5.51 -8.20 -27.98
C GLU A 77 -4.52 -7.22 -27.38
N ILE A 78 -4.55 -7.01 -26.06
CA ILE A 78 -3.72 -5.98 -25.45
C ILE A 78 -2.27 -6.40 -25.34
N CYS A 79 -2.00 -7.71 -25.26
CA CYS A 79 -0.61 -8.18 -25.19
C CYS A 79 0.15 -7.91 -26.47
N LEU A 80 -0.55 -7.83 -27.62
CA LEU A 80 0.10 -7.42 -28.85
C LEU A 80 0.49 -5.96 -28.79
N LEU A 81 -0.30 -5.14 -28.10
CA LEU A 81 0.07 -3.74 -27.97
C LEU A 81 1.21 -3.56 -26.99
N PHE A 82 1.24 -4.31 -25.92
CA PHE A 82 2.14 -3.97 -24.82
C PHE A 82 3.48 -4.65 -24.87
N THR A 83 3.63 -5.71 -25.66
CA THR A 83 4.87 -6.48 -25.67
C THR A 83 5.65 -6.32 -26.96
N ARG A 84 5.34 -5.28 -27.74
CA ARG A 84 5.96 -4.99 -29.03
C ARG A 84 5.84 -6.20 -29.97
N GLY A 85 4.60 -6.51 -30.29
CA GLY A 85 4.33 -7.50 -31.32
C GLY A 85 4.25 -8.97 -30.94
N VAL A 86 5.21 -9.45 -30.15
CA VAL A 86 5.28 -10.87 -29.84
C VAL A 86 4.15 -11.23 -28.88
N ASP A 87 3.43 -12.31 -29.20
CA ASP A 87 2.33 -12.74 -28.36
C ASP A 87 2.83 -13.59 -27.20
N TYR A 88 2.10 -13.56 -26.10
CA TYR A 88 2.40 -14.32 -24.91
C TYR A 88 1.26 -15.29 -24.67
N ARG A 89 1.59 -16.51 -24.25
CA ARG A 89 0.55 -17.46 -23.96
C ARG A 89 -0.09 -17.13 -22.62
N TRP A 90 -1.27 -17.67 -22.42
CA TRP A 90 -2.01 -17.41 -21.19
C TRP A 90 -2.33 -18.74 -20.54
N GLN A 91 -1.74 -18.97 -19.38
CA GLN A 91 -2.13 -20.09 -18.55
C GLN A 91 -3.59 -19.91 -18.19
N ALA A 92 -4.41 -20.88 -18.56
CA ALA A 92 -5.86 -20.70 -18.59
C ALA A 92 -6.50 -20.53 -17.23
N MET A 93 -5.74 -20.62 -16.14
CA MET A 93 -6.28 -20.14 -14.89
C MET A 93 -6.14 -18.63 -14.76
N ALA A 94 -5.14 -18.04 -15.40
CA ALA A 94 -5.00 -16.59 -15.30
C ALA A 94 -6.08 -15.87 -16.11
N LEU A 95 -6.60 -16.51 -17.14
CA LEU A 95 -7.81 -16.00 -17.78
C LEU A 95 -8.98 -15.98 -16.82
N LEU A 96 -9.13 -17.00 -15.99
CA LEU A 96 -10.14 -16.94 -14.95
C LEU A 96 -9.83 -15.87 -13.93
N ALA A 97 -8.56 -15.58 -13.71
CA ALA A 97 -8.20 -14.53 -12.77
C ALA A 97 -8.60 -13.16 -13.27
N LEU A 98 -8.28 -12.85 -14.53
CA LEU A 98 -8.70 -11.57 -15.06
C LEU A 98 -10.19 -11.52 -15.30
N GLN A 99 -10.80 -12.66 -15.59
CA GLN A 99 -12.24 -12.77 -15.71
C GLN A 99 -12.92 -12.55 -14.36
N GLU A 100 -12.20 -12.77 -13.27
CA GLU A 100 -12.71 -12.43 -11.96
C GLU A 100 -12.45 -10.98 -11.60
N ALA A 101 -11.28 -10.46 -11.95
CA ALA A 101 -10.93 -9.11 -11.50
C ALA A 101 -11.68 -8.06 -12.29
N ALA A 102 -12.01 -8.35 -13.54
CA ALA A 102 -12.84 -7.42 -14.31
C ALA A 102 -14.22 -7.26 -13.66
N GLU A 103 -14.78 -8.33 -13.13
CA GLU A 103 -16.05 -8.19 -12.44
C GLU A 103 -15.87 -7.51 -11.11
N ALA A 104 -14.80 -7.86 -10.39
CA ALA A 104 -14.56 -7.29 -9.06
C ALA A 104 -14.30 -5.79 -9.13
N PHE A 105 -13.82 -5.31 -10.27
CA PHE A 105 -13.70 -3.88 -10.47
C PHE A 105 -15.00 -3.30 -11.00
N LEU A 106 -15.61 -3.96 -11.99
CA LEU A 106 -16.65 -3.31 -12.74
C LEU A 106 -17.99 -3.32 -12.04
N VAL A 107 -18.28 -4.34 -11.23
CA VAL A 107 -19.56 -4.33 -10.53
C VAL A 107 -19.54 -3.33 -9.39
N HIS A 108 -18.36 -3.06 -8.82
CA HIS A 108 -18.28 -2.03 -7.80
C HIS A 108 -18.35 -0.65 -8.40
N LEU A 109 -17.73 -0.48 -9.58
CA LEU A 109 -17.86 0.78 -10.31
C LEU A 109 -19.31 1.07 -10.65
N LEU A 110 -20.02 0.07 -11.18
CA LEU A 110 -21.41 0.28 -11.58
C LEU A 110 -22.33 0.46 -10.38
N GLU A 111 -22.08 -0.28 -9.30
CA GLU A 111 -22.90 -0.13 -8.10
C GLU A 111 -22.71 1.24 -7.46
N ASP A 112 -21.47 1.73 -7.44
CA ASP A 112 -21.25 3.02 -6.82
C ASP A 112 -21.74 4.16 -7.70
N ALA A 113 -21.65 4.01 -9.02
CA ALA A 113 -22.22 5.02 -9.89
C ALA A 113 -23.73 5.01 -9.83
N TYR A 114 -24.33 3.86 -9.64
CA TYR A 114 -25.77 3.83 -9.48
C TYR A 114 -26.19 4.44 -8.15
N LEU A 115 -25.38 4.27 -7.12
CA LEU A 115 -25.65 4.93 -5.85
C LEU A 115 -25.56 6.44 -5.99
N CYS A 116 -24.53 6.92 -6.69
CA CYS A 116 -24.41 8.35 -6.93
C CYS A 116 -25.53 8.86 -7.83
N SER A 117 -26.05 8.04 -8.73
CA SER A 117 -27.21 8.45 -9.49
C SER A 117 -28.45 8.50 -8.64
N LEU A 118 -28.54 7.62 -7.65
CA LEU A 118 -29.63 7.66 -6.70
C LEU A 118 -29.54 8.88 -5.80
N HIS A 119 -28.35 9.44 -5.64
CA HIS A 119 -28.25 10.72 -4.95
C HIS A 119 -28.90 11.84 -5.73
N ALA A 120 -28.93 11.75 -7.05
CA ALA A 120 -29.54 12.81 -7.85
C ALA A 120 -31.03 12.64 -8.01
N ARG A 121 -31.63 11.69 -7.30
CA ARG A 121 -33.08 11.43 -7.31
C ARG A 121 -33.61 11.10 -8.70
N ARG A 122 -32.87 10.29 -9.44
CA ARG A 122 -33.34 9.78 -10.71
C ARG A 122 -33.03 8.30 -10.78
N VAL A 123 -33.97 7.53 -11.34
CA VAL A 123 -33.94 6.10 -11.13
C VAL A 123 -32.96 5.43 -12.10
N THR A 124 -32.62 6.07 -13.20
CA THR A 124 -31.75 5.42 -14.16
C THR A 124 -30.32 5.94 -14.02
N LEU A 125 -29.42 5.23 -14.66
CA LEU A 125 -28.00 5.54 -14.61
C LEU A 125 -27.65 6.38 -15.82
N TYR A 126 -26.48 7.01 -15.79
CA TYR A 126 -26.11 7.90 -16.87
C TYR A 126 -24.60 7.92 -16.97
N PRO A 127 -24.05 8.36 -18.10
CA PRO A 127 -22.59 8.51 -18.19
C PRO A 127 -22.04 9.56 -17.25
N LYS A 128 -22.83 10.57 -16.88
CA LYS A 128 -22.39 11.50 -15.86
C LYS A 128 -22.19 10.78 -14.53
N ASP A 129 -23.04 9.81 -14.24
CA ASP A 129 -22.95 9.12 -12.96
C ASP A 129 -21.75 8.20 -12.93
N LEU A 130 -21.46 7.55 -14.05
CA LEU A 130 -20.27 6.73 -14.14
C LEU A 130 -19.02 7.57 -14.12
N GLN A 131 -19.06 8.76 -14.73
CA GLN A 131 -17.90 9.63 -14.71
C GLN A 131 -17.65 10.17 -13.32
N LEU A 132 -18.71 10.43 -12.56
CA LEU A 132 -18.53 10.95 -11.22
C LEU A 132 -17.98 9.90 -10.28
N ALA A 133 -18.52 8.68 -10.35
CA ALA A 133 -17.94 7.63 -9.51
C ALA A 133 -16.58 7.18 -10.03
N ARG A 134 -16.28 7.43 -11.29
CA ARG A 134 -14.95 7.24 -11.79
C ARG A 134 -14.01 8.31 -11.30
N ARG A 135 -14.56 9.45 -10.87
CA ARG A 135 -13.72 10.56 -10.45
C ARG A 135 -13.34 10.47 -8.98
N LEU A 136 -14.30 10.21 -8.10
CA LEU A 136 -14.02 10.33 -6.67
C LEU A 136 -13.32 9.11 -6.10
N ARG A 137 -12.30 8.62 -6.78
CA ARG A 137 -11.50 7.53 -6.27
C ARG A 137 -10.06 7.92 -6.12
N GLY A 138 -9.75 9.19 -6.34
CA GLY A 138 -8.38 9.67 -6.31
C GLY A 138 -7.56 9.08 -7.43
N LEU A 139 -6.39 8.58 -7.05
CA LEU A 139 -5.56 7.84 -7.98
C LEU A 139 -5.53 6.36 -7.68
N GLN A 140 -6.31 5.89 -6.70
CA GLN A 140 -6.23 4.52 -6.20
C GLN A 140 -6.67 3.49 -7.23
N GLY A 141 -7.44 3.90 -8.24
CA GLY A 141 -7.76 2.98 -9.32
C GLY A 141 -6.60 2.81 -10.28
N GLU A 142 -5.79 3.86 -10.43
CA GLU A 142 -4.66 3.83 -11.37
C GLU A 142 -3.30 3.75 -10.70
N GLY A 143 -3.25 3.79 -9.37
CA GLY A 143 -1.98 3.80 -8.66
C GLY A 143 -1.78 2.58 -7.79
N ARG B 27 -16.16 -9.07 -35.19
CA ARG B 27 -14.98 -8.94 -36.04
C ARG B 27 -14.19 -7.71 -35.66
N ASP B 28 -14.55 -7.09 -34.54
CA ASP B 28 -13.86 -5.91 -34.06
C ASP B 28 -13.15 -6.13 -32.74
N ASN B 29 -13.37 -7.28 -32.09
CA ASN B 29 -12.55 -7.85 -31.02
C ASN B 29 -12.55 -7.09 -29.70
N ILE B 30 -13.19 -5.93 -29.66
CA ILE B 30 -13.50 -5.25 -28.42
C ILE B 30 -14.99 -5.31 -28.11
N GLN B 31 -15.83 -5.43 -29.14
CA GLN B 31 -17.26 -5.64 -28.98
C GLN B 31 -17.61 -7.07 -28.63
N GLY B 32 -16.64 -7.89 -28.21
CA GLY B 32 -16.97 -9.18 -27.65
C GLY B 32 -17.69 -9.08 -26.33
N ILE B 33 -17.45 -8.02 -25.57
CA ILE B 33 -18.19 -7.80 -24.35
C ILE B 33 -19.52 -7.24 -24.82
N THR B 34 -20.48 -8.12 -25.10
CA THR B 34 -21.64 -7.70 -25.86
C THR B 34 -22.64 -6.98 -24.99
N LYS B 35 -23.73 -6.53 -25.61
CA LYS B 35 -24.69 -5.67 -24.93
C LYS B 35 -25.47 -6.36 -23.82
N PRO B 36 -26.08 -7.55 -24.00
CA PRO B 36 -26.77 -8.14 -22.85
C PRO B 36 -25.84 -8.65 -21.77
N ALA B 37 -24.56 -8.87 -22.10
CA ALA B 37 -23.60 -9.20 -21.05
C ALA B 37 -23.40 -8.03 -20.10
N ILE B 38 -23.21 -6.83 -20.64
CA ILE B 38 -23.13 -5.63 -19.83
C ILE B 38 -24.45 -5.35 -19.12
N ARG B 39 -25.57 -5.68 -19.77
CA ARG B 39 -26.88 -5.56 -19.12
C ARG B 39 -26.97 -6.40 -17.88
N ARG B 40 -26.67 -7.70 -18.00
CA ARG B 40 -26.68 -8.58 -16.84
C ARG B 40 -25.58 -8.23 -15.86
N LEU B 41 -24.51 -7.58 -16.31
CA LEU B 41 -23.45 -7.24 -15.38
C LEU B 41 -23.85 -6.07 -14.50
N ALA B 42 -24.60 -5.12 -15.06
CA ALA B 42 -25.22 -4.12 -14.22
C ALA B 42 -26.29 -4.74 -13.35
N ARG B 43 -27.00 -5.75 -13.86
CA ARG B 43 -28.06 -6.39 -13.10
C ARG B 43 -27.51 -7.10 -11.87
N ARG B 44 -26.27 -7.58 -11.94
CA ARG B 44 -25.66 -8.15 -10.76
C ARG B 44 -25.42 -7.09 -9.71
N GLY B 45 -25.03 -5.90 -10.13
CA GLY B 45 -24.76 -4.86 -9.16
C GLY B 45 -25.98 -4.24 -8.54
N GLY B 46 -27.16 -4.51 -9.07
CA GLY B 46 -28.34 -3.89 -8.52
C GLY B 46 -28.67 -2.59 -9.25
N VAL B 47 -28.77 -2.66 -10.56
CA VAL B 47 -29.11 -1.53 -11.40
C VAL B 47 -30.42 -1.83 -12.11
N LYS B 48 -31.39 -0.94 -11.98
CA LYS B 48 -32.68 -1.17 -12.61
C LYS B 48 -32.62 -0.92 -14.10
N ARG B 49 -32.27 0.30 -14.50
CA ARG B 49 -32.32 0.69 -15.91
C ARG B 49 -31.02 1.37 -16.31
N ILE B 50 -30.47 0.95 -17.43
CA ILE B 50 -29.19 1.46 -17.90
C ILE B 50 -29.39 2.20 -19.20
N SER B 51 -28.61 3.26 -19.41
CA SER B 51 -28.82 4.10 -20.56
C SER B 51 -28.28 3.46 -21.82
N GLY B 52 -28.55 4.11 -22.95
CA GLY B 52 -28.08 3.60 -24.22
C GLY B 52 -26.65 3.92 -24.56
N LEU B 53 -25.99 4.73 -23.75
CA LEU B 53 -24.62 5.11 -24.01
C LEU B 53 -23.63 4.48 -23.04
N ILE B 54 -24.09 3.64 -22.13
CA ILE B 54 -23.18 2.99 -21.21
C ILE B 54 -22.37 1.94 -21.92
N TYR B 55 -22.92 1.37 -22.98
CA TYR B 55 -22.27 0.35 -23.78
C TYR B 55 -21.02 0.82 -24.51
N GLU B 56 -20.64 2.08 -24.42
CA GLU B 56 -19.31 2.52 -24.84
C GLU B 56 -18.43 2.87 -23.67
N GLU B 57 -18.99 3.52 -22.65
CA GLU B 57 -18.18 3.98 -21.54
C GLU B 57 -17.70 2.82 -20.68
N THR B 58 -18.52 1.80 -20.50
CA THR B 58 -18.06 0.67 -19.70
C THR B 58 -17.05 -0.16 -20.47
N ARG B 59 -17.12 -0.17 -21.80
CA ARG B 59 -16.07 -0.82 -22.57
C ARG B 59 -14.79 -0.04 -22.49
N GLY B 60 -14.90 1.29 -22.44
CA GLY B 60 -13.70 2.12 -22.28
C GLY B 60 -13.01 1.91 -20.95
N VAL B 61 -13.78 1.84 -19.87
CA VAL B 61 -13.10 1.66 -18.60
C VAL B 61 -12.61 0.23 -18.41
N LEU B 62 -13.28 -0.75 -19.02
CA LEU B 62 -12.76 -2.11 -19.01
C LEU B 62 -11.45 -2.19 -19.77
N LYS B 63 -11.35 -1.47 -20.89
CA LYS B 63 -10.12 -1.45 -21.65
C LYS B 63 -9.00 -0.77 -20.90
N VAL B 64 -9.27 0.34 -20.21
CA VAL B 64 -8.16 1.01 -19.54
C VAL B 64 -7.73 0.24 -18.30
N PHE B 65 -8.65 -0.51 -17.68
CA PHE B 65 -8.26 -1.36 -16.56
C PHE B 65 -7.37 -2.51 -17.03
N LEU B 66 -7.71 -3.12 -18.15
CA LEU B 66 -6.84 -4.16 -18.67
C LEU B 66 -5.50 -3.61 -19.13
N GLU B 67 -5.47 -2.39 -19.67
CA GLU B 67 -4.18 -1.81 -20.01
C GLU B 67 -3.37 -1.47 -18.77
N ASN B 68 -4.00 -1.25 -17.64
CA ASN B 68 -3.24 -1.00 -16.43
C ASN B 68 -2.90 -2.25 -15.66
N VAL B 69 -3.41 -3.41 -16.06
CA VAL B 69 -3.05 -4.66 -15.40
C VAL B 69 -2.07 -5.50 -16.22
N ILE B 70 -2.35 -5.68 -17.51
CA ILE B 70 -1.56 -6.62 -18.31
C ILE B 70 -0.16 -6.09 -18.57
N ARG B 71 0.02 -4.76 -18.55
CA ARG B 71 1.36 -4.19 -18.63
C ARG B 71 2.22 -4.64 -17.47
N ASP B 72 1.65 -4.63 -16.28
CA ASP B 72 2.37 -5.08 -15.11
C ASP B 72 2.57 -6.59 -15.12
N ALA B 73 1.59 -7.33 -15.63
CA ALA B 73 1.72 -8.79 -15.66
C ALA B 73 2.82 -9.22 -16.63
N VAL B 74 2.84 -8.64 -17.82
CA VAL B 74 3.90 -9.00 -18.75
C VAL B 74 5.22 -8.41 -18.34
N THR B 75 5.24 -7.34 -17.54
CA THR B 75 6.52 -6.89 -17.02
C THR B 75 7.07 -7.87 -16.00
N TYR B 76 6.18 -8.46 -15.19
CA TYR B 76 6.59 -9.52 -14.28
C TYR B 76 7.16 -10.72 -15.01
N THR B 77 6.48 -11.17 -16.06
CA THR B 77 6.99 -12.36 -16.73
C THR B 77 8.18 -12.07 -17.62
N GLU B 78 8.23 -10.90 -18.23
CA GLU B 78 9.37 -10.53 -19.05
C GLU B 78 10.61 -10.37 -18.18
N HIS B 79 10.43 -9.99 -16.91
CA HIS B 79 11.57 -10.04 -16.01
C HIS B 79 11.99 -11.47 -15.73
N ALA B 80 11.03 -12.37 -15.58
CA ALA B 80 11.40 -13.73 -15.22
C ALA B 80 11.80 -14.57 -16.42
N LYS B 81 12.02 -13.94 -17.59
CA LYS B 81 12.44 -14.57 -18.87
C LYS B 81 11.56 -15.76 -19.27
N ARG B 82 10.33 -15.76 -18.79
CA ARG B 82 9.32 -16.76 -19.09
C ARG B 82 8.64 -16.33 -20.39
N LYS B 83 7.75 -17.15 -20.93
CA LYS B 83 7.01 -16.69 -22.10
C LYS B 83 5.53 -16.95 -21.99
N THR B 84 5.03 -17.35 -20.84
CA THR B 84 3.61 -17.34 -20.57
C THR B 84 3.38 -16.62 -19.26
N VAL B 85 2.17 -16.14 -19.04
CA VAL B 85 1.86 -15.36 -17.86
C VAL B 85 1.07 -16.25 -16.89
N THR B 86 1.70 -16.64 -15.81
CA THR B 86 1.07 -17.52 -14.84
C THR B 86 0.00 -16.76 -14.08
N ALA B 87 -0.90 -17.49 -13.42
CA ALA B 87 -1.89 -16.86 -12.55
C ALA B 87 -1.25 -16.17 -11.37
N MET B 88 -0.08 -16.62 -10.95
CA MET B 88 0.67 -15.86 -9.97
C MET B 88 1.15 -14.54 -10.54
N ASP B 89 1.53 -14.54 -11.81
CA ASP B 89 2.08 -13.34 -12.40
C ASP B 89 1.03 -12.38 -12.89
N VAL B 90 -0.24 -12.64 -12.59
CA VAL B 90 -1.25 -11.60 -12.67
C VAL B 90 -1.84 -11.28 -11.31
N VAL B 91 -1.76 -12.20 -10.35
CA VAL B 91 -2.14 -11.85 -8.98
C VAL B 91 -1.13 -10.88 -8.40
N TYR B 92 0.14 -11.06 -8.71
CA TYR B 92 1.15 -10.10 -8.27
C TYR B 92 0.97 -8.75 -8.93
N ALA B 93 0.50 -8.72 -10.17
CA ALA B 93 0.24 -7.43 -10.78
C ALA B 93 -0.98 -6.79 -10.18
N LEU B 94 -1.94 -7.59 -9.74
CA LEU B 94 -3.12 -7.01 -9.12
C LEU B 94 -2.80 -6.46 -7.74
N LYS B 95 -1.95 -7.16 -6.98
CA LYS B 95 -1.62 -6.78 -5.61
C LYS B 95 -0.86 -5.47 -5.58
N ARG B 96 0.06 -5.30 -6.51
CA ARG B 96 0.72 -4.03 -6.67
C ARG B 96 -0.24 -2.97 -7.21
N GLN B 97 -1.27 -3.37 -7.95
CA GLN B 97 -2.16 -2.37 -8.54
C GLN B 97 -3.15 -1.82 -7.52
N GLY B 98 -3.55 -2.60 -6.53
CA GLY B 98 -4.40 -2.08 -5.49
C GLY B 98 -5.56 -2.97 -5.08
N ARG B 99 -5.62 -4.17 -5.65
CA ARG B 99 -6.63 -5.15 -5.29
C ARG B 99 -5.93 -6.49 -5.24
N THR B 100 -5.81 -7.08 -4.07
CA THR B 100 -5.40 -8.47 -4.06
C THR B 100 -6.58 -9.32 -4.51
N LEU B 101 -6.30 -10.48 -5.05
CA LEU B 101 -7.33 -11.45 -5.37
C LEU B 101 -6.97 -12.74 -4.68
N TYR B 102 -7.78 -13.16 -3.71
CA TYR B 102 -7.43 -14.39 -3.03
C TYR B 102 -7.85 -15.57 -3.87
N GLY B 103 -7.28 -16.72 -3.55
CA GLY B 103 -7.74 -17.96 -4.12
C GLY B 103 -7.11 -18.32 -5.45
N PHE B 104 -5.83 -18.03 -5.59
CA PHE B 104 -5.15 -18.50 -6.78
C PHE B 104 -3.74 -18.96 -6.46
N GLY B 105 -3.52 -19.51 -5.28
CA GLY B 105 -2.23 -20.06 -4.94
C GLY B 105 -1.21 -18.97 -4.66
N ARG C 15 49.48 1.81 -2.39
CA ARG C 15 48.41 2.79 -2.27
C ARG C 15 48.25 3.57 -3.58
N ALA C 16 47.02 3.88 -3.94
CA ALA C 16 46.71 4.55 -5.20
C ALA C 16 45.92 5.82 -4.94
N LYS C 17 45.55 6.49 -6.03
CA LYS C 17 44.77 7.72 -5.98
C LYS C 17 43.29 7.38 -6.11
N ALA C 18 42.57 7.43 -5.01
CA ALA C 18 41.19 6.96 -4.99
C ALA C 18 40.26 7.98 -5.64
N LYS C 19 39.02 7.54 -5.85
CA LYS C 19 37.96 8.35 -6.43
C LYS C 19 36.64 7.69 -6.09
N THR C 20 35.59 8.50 -6.04
CA THR C 20 34.28 8.02 -5.59
C THR C 20 33.66 7.12 -6.65
N ARG C 21 32.63 6.38 -6.23
CA ARG C 21 31.85 5.66 -7.21
C ARG C 21 30.97 6.59 -8.02
N SER C 22 30.54 7.69 -7.42
CA SER C 22 29.60 8.58 -8.10
C SER C 22 30.28 9.30 -9.24
N SER C 23 31.46 9.88 -9.00
CA SER C 23 32.20 10.53 -10.06
C SER C 23 32.76 9.54 -11.06
N ARG C 24 32.98 8.29 -10.65
CA ARG C 24 33.31 7.26 -11.62
C ARG C 24 32.10 6.86 -12.44
N ALA C 25 30.90 7.12 -11.96
CA ALA C 25 29.71 6.90 -12.74
C ALA C 25 29.14 8.20 -13.29
N GLY C 26 29.71 9.34 -12.92
CA GLY C 26 29.24 10.60 -13.44
C GLY C 26 27.86 11.01 -12.96
N LEU C 27 27.50 10.65 -11.74
CA LEU C 27 26.21 11.02 -11.19
C LEU C 27 26.40 11.92 -9.98
N GLN C 28 25.38 12.69 -9.67
CA GLN C 28 25.48 13.59 -8.53
C GLN C 28 25.02 12.95 -7.25
N PHE C 29 24.02 12.09 -7.32
CA PHE C 29 23.54 11.40 -6.13
C PHE C 29 24.57 10.38 -5.69
N PRO C 30 24.75 10.19 -4.39
CA PRO C 30 25.85 9.35 -3.92
C PRO C 30 25.57 7.89 -4.17
N VAL C 31 26.64 7.12 -4.29
CA VAL C 31 26.54 5.71 -4.56
C VAL C 31 26.94 4.87 -3.37
N GLY C 32 27.92 5.31 -2.58
CA GLY C 32 28.20 4.64 -1.33
C GLY C 32 27.03 4.69 -0.37
N ARG C 33 26.27 5.79 -0.39
CA ARG C 33 25.13 5.92 0.50
C ARG C 33 24.02 4.96 0.13
N VAL C 34 23.70 4.88 -1.16
CA VAL C 34 22.65 3.97 -1.58
C VAL C 34 23.11 2.53 -1.45
N HIS C 35 24.40 2.26 -1.61
CA HIS C 35 24.84 0.89 -1.41
C HIS C 35 24.88 0.52 0.06
N ARG C 36 25.06 1.49 0.95
CA ARG C 36 24.95 1.20 2.37
C ARG C 36 23.50 0.96 2.75
N LEU C 37 22.58 1.74 2.20
CA LEU C 37 21.18 1.59 2.57
C LEU C 37 20.56 0.35 1.94
N LEU C 38 21.06 -0.08 0.79
CA LEU C 38 20.35 -1.12 0.07
C LEU C 38 20.59 -2.50 0.64
N ARG C 39 21.56 -2.68 1.53
CA ARG C 39 21.73 -3.95 2.21
C ARG C 39 21.53 -3.85 3.71
N LYS C 40 21.88 -2.72 4.31
CA LYS C 40 21.62 -2.50 5.72
C LYS C 40 20.31 -1.81 5.96
N GLY C 41 19.32 -2.08 5.12
CA GLY C 41 17.95 -1.71 5.38
C GLY C 41 17.11 -2.95 5.24
N ASN C 42 17.79 -4.07 5.01
CA ASN C 42 17.19 -5.41 4.90
C ASN C 42 16.18 -5.48 3.77
N TYR C 43 16.68 -5.28 2.56
CA TYR C 43 15.92 -5.52 1.35
C TYR C 43 16.39 -6.75 0.61
N SER C 44 17.60 -7.20 0.87
CA SER C 44 18.07 -8.53 0.47
C SER C 44 19.31 -8.83 1.28
N GLU C 45 19.66 -10.10 1.30
CA GLU C 45 20.94 -10.47 1.87
C GLU C 45 22.09 -10.27 0.90
N ARG C 46 21.80 -9.91 -0.35
CA ARG C 46 22.83 -9.64 -1.34
C ARG C 46 22.38 -8.51 -2.23
N VAL C 47 23.25 -7.53 -2.45
CA VAL C 47 23.01 -6.49 -3.44
C VAL C 47 24.16 -6.53 -4.43
N GLY C 48 23.83 -6.51 -5.71
CA GLY C 48 24.84 -6.55 -6.74
C GLY C 48 25.64 -5.27 -6.80
N ALA C 49 26.70 -5.30 -7.60
CA ALA C 49 27.56 -4.14 -7.71
C ALA C 49 27.01 -3.06 -8.62
N GLY C 50 25.83 -3.25 -9.20
CA GLY C 50 25.34 -2.31 -10.19
C GLY C 50 24.06 -1.63 -9.82
N ALA C 51 23.23 -2.32 -9.04
CA ALA C 51 21.97 -1.74 -8.59
C ALA C 51 22.08 -0.43 -7.82
N PRO C 52 23.09 -0.16 -7.00
CA PRO C 52 23.20 1.21 -6.45
C PRO C 52 23.46 2.27 -7.49
N VAL C 53 24.24 1.97 -8.53
CA VAL C 53 24.50 2.94 -9.58
C VAL C 53 23.22 3.25 -10.32
N TYR C 54 22.46 2.22 -10.64
CA TYR C 54 21.19 2.40 -11.32
C TYR C 54 20.21 3.17 -10.47
N LEU C 55 20.20 2.91 -9.17
CA LEU C 55 19.22 3.56 -8.31
C LEU C 55 19.55 5.03 -8.12
N ALA C 56 20.85 5.34 -8.04
CA ALA C 56 21.27 6.73 -8.00
C ALA C 56 20.88 7.44 -9.29
N ALA C 57 20.95 6.72 -10.42
CA ALA C 57 20.54 7.32 -11.68
C ALA C 57 19.04 7.62 -11.69
N VAL C 58 18.22 6.70 -11.18
CA VAL C 58 16.77 6.93 -11.21
C VAL C 58 16.39 8.09 -10.30
N LEU C 59 17.01 8.17 -9.13
CA LEU C 59 16.73 9.30 -8.26
C LEU C 59 17.21 10.61 -8.86
N GLU C 60 18.33 10.57 -9.58
CA GLU C 60 18.84 11.76 -10.24
C GLU C 60 17.88 12.26 -11.30
N TYR C 61 17.36 11.34 -12.10
CA TYR C 61 16.44 11.72 -13.17
C TYR C 61 15.13 12.23 -12.60
N LEU C 62 14.66 11.63 -11.50
CA LEU C 62 13.41 12.07 -10.91
C LEU C 62 13.53 13.45 -10.30
N THR C 63 14.62 13.72 -9.59
CA THR C 63 14.79 15.01 -8.97
C THR C 63 15.03 16.10 -9.99
N ALA C 64 15.73 15.81 -11.08
CA ALA C 64 15.84 16.80 -12.14
C ALA C 64 14.51 17.03 -12.83
N GLU C 65 13.69 16.00 -12.94
CA GLU C 65 12.39 16.15 -13.56
C GLU C 65 11.46 17.01 -12.70
N ILE C 66 11.61 16.93 -11.38
CA ILE C 66 10.83 17.83 -10.53
C ILE C 66 11.34 19.26 -10.64
N LEU C 67 12.66 19.44 -10.53
CA LEU C 67 13.22 20.79 -10.46
C LEU C 67 13.05 21.56 -11.76
N GLU C 68 13.06 20.87 -12.89
CA GLU C 68 12.81 21.56 -14.14
C GLU C 68 11.34 21.92 -14.29
N ALA C 70 9.76 22.82 -11.68
CA ALA C 70 9.72 23.79 -10.60
C ALA C 70 10.23 25.14 -11.05
N GLY C 71 11.39 25.14 -11.70
CA GLY C 71 12.01 26.39 -12.10
C GLY C 71 11.28 27.10 -13.21
N ASN C 72 10.57 26.34 -14.04
CA ASN C 72 9.63 26.97 -14.96
C ASN C 72 8.48 27.64 -14.21
N ALA C 73 8.07 27.09 -13.07
CA ALA C 73 7.03 27.74 -12.31
C ALA C 73 7.57 28.94 -11.55
N ALA C 74 8.85 28.93 -11.21
CA ALA C 74 9.44 30.01 -10.45
C ALA C 74 9.62 31.28 -11.27
N ARG C 75 9.59 31.19 -12.60
CA ARG C 75 9.71 32.37 -13.43
C ARG C 75 8.48 33.25 -13.32
N ASP C 76 7.31 32.64 -13.19
CA ASP C 76 6.09 33.42 -13.10
C ASP C 76 5.99 34.16 -11.77
N ASN C 77 6.56 33.60 -10.72
CA ASN C 77 6.53 34.25 -9.43
C ASN C 77 7.70 35.19 -9.21
N LYS C 78 8.71 35.12 -10.08
CA LYS C 78 9.88 36.02 -10.09
C LYS C 78 10.64 35.97 -8.77
N LYS C 79 10.71 34.79 -8.18
CA LYS C 79 11.42 34.59 -6.92
C LYS C 79 12.55 33.60 -7.17
N THR C 80 13.75 34.00 -6.79
CA THR C 80 14.89 33.13 -7.05
C THR C 80 14.93 31.94 -6.10
N ARG C 81 14.29 32.03 -4.94
CA ARG C 81 14.14 30.83 -4.16
C ARG C 81 13.07 29.95 -4.77
N ILE C 82 13.03 28.69 -4.34
CA ILE C 82 11.92 27.79 -4.62
C ILE C 82 11.22 27.51 -3.30
N ILE C 83 9.94 27.86 -3.22
CA ILE C 83 9.17 27.63 -2.00
C ILE C 83 8.09 26.60 -2.33
N PRO C 84 7.62 25.81 -1.36
CA PRO C 84 6.77 24.64 -1.68
C PRO C 84 5.48 24.92 -2.40
N ARG C 85 5.02 26.17 -2.47
CA ARG C 85 3.92 26.49 -3.37
C ARG C 85 4.31 26.26 -4.82
N HIS C 86 5.55 26.60 -5.18
CA HIS C 86 6.05 26.32 -6.52
C HIS C 86 6.12 24.82 -6.77
N LEU C 87 6.55 24.06 -5.78
CA LEU C 87 6.65 22.62 -5.95
C LEU C 87 5.30 21.98 -6.11
N GLN C 88 4.32 22.45 -5.36
CA GLN C 88 2.97 21.91 -5.50
C GLN C 88 2.37 22.28 -6.84
N LEU C 89 2.58 23.52 -7.29
CA LEU C 89 2.10 23.89 -8.61
C LEU C 89 2.88 23.25 -9.74
N ALA C 90 4.02 22.65 -9.45
CA ALA C 90 4.66 21.82 -10.47
C ALA C 90 4.08 20.42 -10.47
N ILE C 91 3.99 19.79 -9.29
CA ILE C 91 3.68 18.38 -9.24
C ILE C 91 2.19 18.10 -9.48
N ARG C 92 1.31 19.00 -9.06
CA ARG C 92 -0.09 18.80 -9.40
C ARG C 92 -0.37 19.15 -10.84
N ASN C 93 0.55 19.82 -11.52
CA ASN C 93 0.27 20.25 -12.87
C ASN C 93 1.27 19.68 -13.85
N ASP C 94 1.55 18.38 -13.73
CA ASP C 94 2.37 17.65 -14.66
C ASP C 94 2.04 16.17 -14.47
N GLU C 95 1.42 15.56 -15.48
CA GLU C 95 0.67 14.33 -15.26
C GLU C 95 1.57 13.15 -14.87
N GLU C 96 2.61 12.89 -15.65
CA GLU C 96 3.41 11.71 -15.35
C GLU C 96 4.32 11.89 -14.15
N LEU C 97 4.30 13.04 -13.48
CA LEU C 97 4.71 13.15 -12.10
C LEU C 97 3.56 13.39 -11.16
N ASN C 98 2.37 13.69 -11.67
CA ASN C 98 1.23 13.77 -10.77
C ASN C 98 0.86 12.39 -10.27
N LYS C 99 0.78 11.43 -11.17
CA LYS C 99 0.28 10.09 -10.82
C LYS C 99 1.25 9.36 -9.91
N LEU C 100 2.52 9.70 -9.96
CA LEU C 100 3.48 9.12 -9.02
C LEU C 100 3.20 9.60 -7.61
N LEU C 101 2.85 10.87 -7.46
CA LEU C 101 2.61 11.47 -6.16
C LEU C 101 1.15 11.89 -6.06
N GLY C 102 0.26 11.02 -6.52
CA GLY C 102 -1.15 11.38 -6.57
C GLY C 102 -1.84 11.35 -5.23
N ARG C 103 -1.45 10.45 -4.34
CA ARG C 103 -2.00 10.41 -3.01
C ARG C 103 -0.95 10.77 -1.97
N VAL C 104 -0.06 11.68 -2.31
CA VAL C 104 0.92 12.22 -1.38
C VAL C 104 0.82 13.73 -1.40
N THR C 105 0.61 14.34 -0.25
CA THR C 105 0.45 15.78 -0.15
C THR C 105 1.77 16.44 0.26
N ILE C 106 1.72 17.75 0.46
CA ILE C 106 2.93 18.54 0.65
C ILE C 106 2.66 19.61 1.70
N ALA C 107 3.60 19.78 2.64
CA ALA C 107 3.45 20.74 3.72
C ALA C 107 3.42 22.17 3.19
N GLN C 108 2.54 22.99 3.78
CA GLN C 108 2.17 24.32 3.31
C GLN C 108 1.79 24.29 1.84
N GLY C 109 0.88 23.39 1.51
CA GLY C 109 0.67 23.03 0.13
C GLY C 109 -0.07 24.03 -0.73
N GLY C 110 -1.34 24.24 -0.46
CA GLY C 110 -2.19 24.96 -1.38
C GLY C 110 -2.60 24.11 -2.57
N VAL C 111 -3.68 24.52 -3.21
CA VAL C 111 -4.18 23.73 -4.32
C VAL C 111 -3.95 24.50 -5.60
N LEU C 112 -4.27 23.87 -6.73
CA LEU C 112 -4.23 24.56 -8.00
C LEU C 112 -5.34 25.61 -8.03
N PRO C 113 -5.12 26.75 -8.66
CA PRO C 113 -6.21 27.72 -8.86
C PRO C 113 -7.28 27.11 -9.74
N ASN C 114 -8.46 26.89 -9.16
CA ASN C 114 -9.40 25.93 -9.71
C ASN C 114 -10.81 26.42 -9.41
N ILE C 115 -11.51 26.85 -10.44
CA ILE C 115 -12.92 27.17 -10.35
C ILE C 115 -13.63 26.33 -11.42
N GLN C 116 -14.86 25.92 -11.15
CA GLN C 116 -15.60 25.18 -12.16
C GLN C 116 -16.15 26.13 -13.23
N ALA C 117 -16.92 25.57 -14.15
CA ALA C 117 -17.48 26.35 -15.24
C ALA C 117 -18.86 26.91 -14.93
N VAL C 118 -19.66 26.20 -14.14
CA VAL C 118 -21.02 26.63 -13.85
C VAL C 118 -21.04 27.79 -12.87
N LEU C 119 -19.95 27.98 -12.14
CA LEU C 119 -19.94 28.94 -11.05
C LEU C 119 -19.89 30.39 -11.54
N LEU C 120 -19.17 30.63 -12.63
CA LEU C 120 -18.92 32.00 -13.06
C LEU C 120 -20.15 32.59 -13.74
N PRO C 121 -20.57 33.79 -13.37
CA PRO C 121 -21.77 34.39 -13.97
C PRO C 121 -21.49 34.89 -15.39
N LYS C 122 -22.52 35.43 -16.01
CA LYS C 122 -22.43 35.92 -17.37
C LYS C 122 -21.61 37.20 -17.47
N ARG D 35 25.59 15.81 19.03
CA ARG D 35 26.93 15.27 18.81
C ARG D 35 26.84 13.91 18.12
N SER D 36 25.63 13.58 17.69
CA SER D 36 25.39 12.45 16.81
C SER D 36 24.83 12.95 15.50
N ARG D 37 25.14 12.23 14.42
CA ARG D 37 24.86 12.69 13.07
C ARG D 37 23.66 11.95 12.49
N LYS D 38 22.72 12.71 11.97
CA LYS D 38 21.61 12.18 11.17
C LYS D 38 21.76 12.73 9.77
N GLU D 39 22.18 11.87 8.84
CA GLU D 39 22.59 12.31 7.52
C GLU D 39 21.40 12.74 6.68
N SER D 40 21.70 13.26 5.50
CA SER D 40 20.67 13.89 4.68
C SER D 40 20.95 13.66 3.21
N TYR D 41 20.08 14.24 2.40
CA TYR D 41 20.28 14.37 0.97
C TYR D 41 20.30 15.82 0.55
N SER D 42 20.50 16.73 1.50
CA SER D 42 20.40 18.15 1.22
C SER D 42 21.52 18.61 0.30
N ILE D 43 22.72 18.08 0.52
CA ILE D 43 23.87 18.47 -0.27
C ILE D 43 23.71 18.01 -1.70
N TYR D 44 23.16 16.81 -1.90
CA TYR D 44 23.03 16.29 -3.24
C TYR D 44 21.90 16.96 -4.00
N VAL D 45 20.81 17.30 -3.31
CA VAL D 45 19.76 18.08 -3.94
C VAL D 45 20.29 19.44 -4.34
N TYR D 46 21.11 20.06 -3.48
CA TYR D 46 21.66 21.35 -3.81
C TYR D 46 22.67 21.25 -4.95
N LYS D 47 23.41 20.16 -5.05
CA LYS D 47 24.33 19.99 -6.16
C LYS D 47 23.58 19.79 -7.47
N VAL D 48 22.51 18.99 -7.44
CA VAL D 48 21.76 18.76 -8.66
C VAL D 48 20.88 19.93 -9.03
N LEU D 49 20.70 20.89 -8.11
CA LEU D 49 19.99 22.11 -8.50
C LEU D 49 20.82 22.94 -9.45
N LYS D 50 22.14 22.90 -9.30
CA LYS D 50 23.06 23.62 -10.18
C LYS D 50 23.01 23.11 -11.60
N GLN D 51 22.70 21.85 -11.81
CA GLN D 51 22.67 21.28 -13.15
C GLN D 51 21.35 21.47 -13.84
N VAL D 52 20.39 22.15 -13.23
CA VAL D 52 19.14 22.41 -13.90
C VAL D 52 18.80 23.89 -13.90
N HIS D 53 19.01 24.57 -12.78
CA HIS D 53 18.71 25.99 -12.69
C HIS D 53 19.83 26.67 -11.93
N PRO D 54 20.79 27.29 -12.61
CA PRO D 54 22.02 27.73 -11.97
C PRO D 54 21.87 29.00 -11.15
N ASP D 55 20.69 29.61 -11.15
CA ASP D 55 20.53 30.93 -10.55
C ASP D 55 19.42 30.94 -9.49
N THR D 56 19.02 29.78 -9.00
CA THR D 56 17.87 29.67 -8.12
C THR D 56 18.27 29.20 -6.74
N GLY D 57 17.34 29.39 -5.79
CA GLY D 57 17.55 28.99 -4.42
C GLY D 57 16.42 28.08 -3.93
N ILE D 58 16.65 27.47 -2.78
CA ILE D 58 15.68 26.61 -2.13
C ILE D 58 15.76 26.86 -0.64
N SER D 59 14.60 26.97 0.01
CA SER D 59 14.55 27.27 1.42
C SER D 59 14.86 26.04 2.25
N SER D 60 14.57 26.08 3.54
CA SER D 60 14.75 24.86 4.32
C SER D 60 13.57 23.91 4.14
N LYS D 61 12.36 24.45 3.98
CA LYS D 61 11.21 23.58 3.82
C LYS D 61 11.18 22.92 2.46
N ALA D 62 11.67 23.60 1.43
CA ALA D 62 11.81 22.94 0.14
C ALA D 62 12.88 21.87 0.19
N MET D 63 13.92 22.07 1.01
CA MET D 63 14.86 20.99 1.24
C MET D 63 14.19 19.84 1.97
N GLY D 64 13.24 20.12 2.84
CA GLY D 64 12.50 19.06 3.51
C GLY D 64 11.64 18.26 2.54
N ILE D 65 10.96 18.95 1.62
CA ILE D 65 10.17 18.29 0.60
C ILE D 65 11.06 17.44 -0.28
N MET D 66 12.13 18.01 -0.78
CA MET D 66 12.99 17.25 -1.67
C MET D 66 13.94 16.33 -0.94
N ASN D 67 13.86 16.24 0.39
CA ASN D 67 14.51 15.15 1.08
C ASN D 67 13.55 14.01 1.37
N SER D 68 12.34 14.33 1.84
CA SER D 68 11.39 13.28 2.14
C SER D 68 10.85 12.66 0.88
N PHE D 69 10.87 13.39 -0.24
CA PHE D 69 10.51 12.80 -1.52
C PHE D 69 11.47 11.71 -1.91
N VAL D 70 12.77 11.96 -1.75
CA VAL D 70 13.77 10.98 -2.14
C VAL D 70 13.76 9.79 -1.21
N ASN D 71 13.65 10.03 0.10
CA ASN D 71 13.57 8.89 1.00
C ASN D 71 12.20 8.26 1.06
N ASP D 72 11.25 8.75 0.28
CA ASP D 72 10.08 7.95 -0.07
C ASP D 72 10.26 7.15 -1.34
N ILE D 73 10.74 7.78 -2.41
CA ILE D 73 10.72 7.10 -3.70
C ILE D 73 11.81 6.05 -3.78
N PHE D 74 12.94 6.24 -3.10
CA PHE D 74 13.94 5.19 -3.04
C PHE D 74 13.42 4.01 -2.24
N GLU D 75 12.67 4.29 -1.18
CA GLU D 75 12.09 3.21 -0.41
C GLU D 75 11.03 2.47 -1.21
N ARG D 76 10.29 3.18 -2.04
CA ARG D 76 9.25 2.51 -2.81
C ARG D 76 9.86 1.61 -3.86
N ILE D 77 10.93 2.06 -4.52
CA ILE D 77 11.57 1.24 -5.54
C ILE D 77 12.26 0.03 -4.91
N ALA D 78 12.94 0.22 -3.79
CA ALA D 78 13.59 -0.92 -3.17
C ALA D 78 12.59 -1.90 -2.57
N GLY D 79 11.51 -1.40 -1.97
CA GLY D 79 10.48 -2.27 -1.43
C GLY D 79 9.64 -2.95 -2.48
N GLU D 80 9.70 -2.47 -3.72
CA GLU D 80 9.15 -3.24 -4.83
C GLU D 80 10.12 -4.29 -5.30
N ALA D 81 11.39 -3.91 -5.49
CA ALA D 81 12.36 -4.83 -6.05
C ALA D 81 12.65 -5.97 -5.11
N SER D 82 12.44 -5.77 -3.81
CA SER D 82 12.69 -6.85 -2.86
C SER D 82 11.68 -7.95 -3.03
N ARG D 83 10.39 -7.62 -3.04
CA ARG D 83 9.38 -8.64 -3.26
C ARG D 83 9.44 -9.19 -4.67
N LEU D 84 10.00 -8.42 -5.61
CA LEU D 84 10.12 -8.93 -6.96
C LEU D 84 11.20 -9.98 -7.06
N ALA D 85 12.35 -9.76 -6.43
CA ALA D 85 13.36 -10.81 -6.44
C ALA D 85 13.04 -11.92 -5.47
N HIS D 86 12.16 -11.67 -4.50
CA HIS D 86 11.71 -12.73 -3.61
C HIS D 86 10.67 -13.63 -4.28
N TYR D 87 9.99 -13.13 -5.30
CA TYR D 87 9.10 -14.00 -6.06
C TYR D 87 9.88 -15.08 -6.79
N ASN D 88 10.95 -14.72 -7.48
CA ASN D 88 11.65 -15.68 -8.31
C ASN D 88 12.77 -16.38 -7.57
N LYS D 89 12.76 -16.34 -6.24
CA LYS D 89 13.66 -17.07 -5.35
C LYS D 89 15.13 -16.70 -5.50
N ARG D 90 15.44 -15.68 -6.28
CA ARG D 90 16.81 -15.20 -6.32
C ARG D 90 17.10 -14.44 -5.04
N SER D 91 18.30 -14.65 -4.50
CA SER D 91 18.66 -14.05 -3.24
C SER D 91 19.33 -12.71 -3.38
N THR D 92 19.57 -12.26 -4.60
CA THR D 92 20.21 -10.98 -4.83
C THR D 92 19.20 -9.95 -5.27
N ILE D 93 19.66 -8.71 -5.39
CA ILE D 93 18.96 -7.68 -6.13
C ILE D 93 19.99 -7.12 -7.11
N THR D 94 19.87 -7.47 -8.37
CA THR D 94 20.80 -7.00 -9.37
C THR D 94 20.32 -5.67 -9.89
N SER D 95 20.96 -5.18 -10.95
CA SER D 95 20.46 -3.99 -11.62
C SER D 95 19.18 -4.29 -12.39
N ARG D 96 19.00 -5.54 -12.80
CA ARG D 96 17.86 -5.91 -13.63
C ARG D 96 16.56 -5.81 -12.86
N GLU D 97 16.58 -6.14 -11.57
CA GLU D 97 15.36 -6.04 -10.79
C GLU D 97 15.00 -4.60 -10.52
N ILE D 98 15.99 -3.71 -10.41
CA ILE D 98 15.67 -2.30 -10.33
C ILE D 98 15.13 -1.83 -11.66
N GLN D 99 15.58 -2.43 -12.77
CA GLN D 99 15.04 -2.05 -14.07
C GLN D 99 13.59 -2.45 -14.21
N THR D 100 13.23 -3.64 -13.75
CA THR D 100 11.84 -4.02 -13.75
C THR D 100 11.03 -3.17 -12.78
N ALA D 101 11.64 -2.77 -11.66
CA ALA D 101 10.95 -1.92 -10.70
C ALA D 101 10.65 -0.56 -11.29
N VAL D 102 11.58 0.01 -12.05
CA VAL D 102 11.30 1.33 -12.56
C VAL D 102 10.46 1.28 -13.82
N ARG D 103 10.45 0.15 -14.54
CA ARG D 103 9.54 0.06 -15.66
C ARG D 103 8.12 -0.24 -15.21
N LEU D 104 7.96 -0.84 -14.04
CA LEU D 104 6.65 -1.13 -13.52
C LEU D 104 6.09 0.03 -12.72
N LEU D 105 6.92 0.63 -11.88
CA LEU D 105 6.43 1.52 -10.83
C LEU D 105 6.16 2.93 -11.35
N LEU D 106 7.07 3.47 -12.14
CA LEU D 106 6.89 4.82 -12.67
C LEU D 106 5.82 4.82 -13.75
N PRO D 107 4.91 5.78 -13.74
CA PRO D 107 3.78 5.72 -14.68
C PRO D 107 4.17 6.26 -16.04
N GLY D 108 4.08 5.38 -17.05
CA GLY D 108 4.09 5.86 -18.42
C GLY D 108 5.47 6.25 -18.95
N GLU D 109 5.47 7.24 -19.85
CA GLU D 109 6.62 7.58 -20.68
C GLU D 109 7.80 8.08 -19.85
N LEU D 110 7.54 8.57 -18.64
CA LEU D 110 8.62 8.95 -17.72
C LEU D 110 9.55 7.78 -17.46
N ALA D 111 8.96 6.59 -17.26
CA ALA D 111 9.75 5.37 -17.12
C ALA D 111 10.60 5.11 -18.34
N LYS D 112 10.04 5.39 -19.53
CA LYS D 112 10.73 5.19 -20.81
C LYS D 112 12.00 6.01 -20.93
N HIS D 113 12.14 7.08 -20.15
CA HIS D 113 13.43 7.77 -20.18
C HIS D 113 14.30 7.37 -19.02
N ALA D 114 13.67 7.05 -17.88
CA ALA D 114 14.41 6.78 -16.66
C ALA D 114 15.25 5.53 -16.79
N VAL D 115 14.68 4.49 -17.42
CA VAL D 115 15.44 3.27 -17.70
C VAL D 115 16.63 3.59 -18.60
N SER D 116 16.45 4.50 -19.56
CA SER D 116 17.56 4.96 -20.38
C SER D 116 18.59 5.65 -19.52
N GLU D 117 18.13 6.51 -18.61
CA GLU D 117 19.01 7.21 -17.68
C GLU D 117 19.66 6.26 -16.69
N GLY D 118 19.12 5.06 -16.54
CA GLY D 118 19.86 4.09 -15.76
C GLY D 118 20.97 3.53 -16.59
N THR D 119 20.61 3.08 -17.80
CA THR D 119 21.45 2.16 -18.55
C THR D 119 22.75 2.80 -18.98
N LYS D 120 22.65 4.01 -19.57
CA LYS D 120 23.82 4.82 -19.90
C LYS D 120 24.69 5.03 -18.67
N ALA D 121 24.06 5.30 -17.53
CA ALA D 121 24.75 5.43 -16.25
C ALA D 121 25.56 4.20 -15.92
N VAL D 122 24.96 3.01 -16.03
CA VAL D 122 25.72 1.84 -15.61
C VAL D 122 26.77 1.48 -16.66
N THR D 123 26.61 1.96 -17.91
CA THR D 123 27.68 1.73 -18.86
C THR D 123 28.88 2.57 -18.51
N LYS D 124 28.64 3.75 -17.92
CA LYS D 124 29.73 4.54 -17.39
C LYS D 124 30.42 3.82 -16.24
N TYR D 125 29.73 2.93 -15.55
CA TYR D 125 30.39 2.16 -14.51
C TYR D 125 31.11 0.95 -15.06
N THR D 126 30.99 0.66 -16.35
CA THR D 126 31.77 -0.39 -16.95
C THR D 126 32.91 0.15 -17.81
N SER D 127 33.07 1.48 -17.83
CA SER D 127 34.25 2.07 -18.45
C SER D 127 35.42 2.07 -17.48
N SER D 128 35.21 2.60 -16.28
CA SER D 128 36.25 2.66 -15.27
C SER D 128 35.88 1.84 -14.04
N LYS E 41 -27.81 55.69 0.68
CA LYS E 41 -27.56 54.87 -0.50
C LYS E 41 -26.17 54.22 -0.43
N PRO E 42 -26.03 53.17 0.37
CA PRO E 42 -24.72 52.51 0.48
C PRO E 42 -24.46 51.62 -0.72
N HIS E 43 -23.37 50.87 -0.63
CA HIS E 43 -23.04 49.88 -1.66
C HIS E 43 -23.13 48.49 -1.07
N ARG E 44 -24.01 47.68 -1.64
CA ARG E 44 -24.11 46.27 -1.32
C ARG E 44 -23.85 45.47 -2.58
N TYR E 45 -22.99 44.46 -2.47
CA TYR E 45 -22.62 43.66 -3.61
C TYR E 45 -23.75 42.73 -4.01
N ARG E 46 -23.57 42.08 -5.13
CA ARG E 46 -24.43 40.94 -5.44
C ARG E 46 -24.12 39.82 -4.44
N PRO E 47 -25.15 39.18 -3.90
CA PRO E 47 -24.88 38.01 -3.06
C PRO E 47 -24.35 36.89 -3.92
N GLY E 48 -23.21 36.36 -3.50
CA GLY E 48 -22.50 35.39 -4.30
C GLY E 48 -21.16 35.89 -4.78
N THR E 49 -21.07 37.16 -5.18
CA THR E 49 -19.83 37.60 -5.81
C THR E 49 -18.73 37.94 -4.83
N VAL E 50 -18.98 37.91 -3.54
CA VAL E 50 -17.88 37.96 -2.60
C VAL E 50 -17.17 36.62 -2.55
N ALA E 51 -17.89 35.54 -2.83
CA ALA E 51 -17.30 34.21 -2.74
C ALA E 51 -16.24 34.00 -3.79
N LEU E 52 -16.39 34.59 -4.97
CA LEU E 52 -15.39 34.39 -6.00
C LEU E 52 -14.09 35.10 -5.66
N ARG E 53 -14.18 36.29 -5.09
CA ARG E 53 -12.98 36.94 -4.59
C ARG E 53 -12.38 36.18 -3.42
N GLU E 54 -13.22 35.57 -2.58
CA GLU E 54 -12.69 34.78 -1.47
C GLU E 54 -11.99 33.53 -1.95
N ILE E 55 -12.54 32.87 -2.97
CA ILE E 55 -11.93 31.67 -3.53
C ILE E 55 -10.62 32.00 -4.20
N ARG E 56 -10.59 33.06 -4.99
CA ARG E 56 -9.34 33.42 -5.64
C ARG E 56 -8.35 34.05 -4.69
N ARG E 57 -8.78 34.49 -3.50
CA ARG E 57 -7.81 34.92 -2.52
C ARG E 57 -7.26 33.76 -1.72
N TYR E 58 -8.07 32.74 -1.46
CA TYR E 58 -7.61 31.64 -0.63
C TYR E 58 -6.89 30.56 -1.39
N GLN E 59 -7.14 30.42 -2.70
CA GLN E 59 -6.43 29.40 -3.45
C GLN E 59 -5.03 29.85 -3.81
N LYS E 60 -4.73 31.13 -3.66
CA LYS E 60 -3.37 31.58 -3.87
C LYS E 60 -2.47 31.24 -2.69
N SER E 61 -2.89 31.58 -1.49
CA SER E 61 -1.99 31.61 -0.35
C SER E 61 -1.76 30.21 0.22
N THR E 62 -0.64 30.06 0.91
CA THR E 62 -0.26 28.81 1.54
C THR E 62 -0.42 28.85 3.05
N GLU E 63 -1.21 29.78 3.56
CA GLU E 63 -1.46 29.84 5.00
C GLU E 63 -2.33 28.67 5.42
N LEU E 64 -2.42 28.45 6.71
CA LEU E 64 -3.35 27.47 7.24
C LEU E 64 -4.66 28.16 7.60
N LEU E 65 -5.71 27.37 7.73
CA LEU E 65 -7.03 27.93 7.92
C LEU E 65 -7.65 27.58 9.27
N ILE E 66 -7.02 26.72 10.05
CA ILE E 66 -7.48 26.41 11.39
C ILE E 66 -6.43 26.92 12.37
N ARG E 67 -6.86 27.72 13.33
CA ARG E 67 -5.94 28.30 14.31
C ARG E 67 -5.34 27.19 15.16
N ARG E 68 -4.13 27.45 15.67
CA ARG E 68 -3.37 26.37 16.31
C ARG E 68 -3.93 26.04 17.69
N GLN E 69 -4.54 27.01 18.34
CA GLN E 69 -5.10 26.74 19.67
C GLN E 69 -6.32 25.83 19.66
N PRO E 70 -7.39 26.07 18.89
CA PRO E 70 -8.54 25.16 19.01
C PRO E 70 -8.27 23.81 18.43
N PHE E 71 -7.48 23.75 17.36
CA PHE E 71 -7.05 22.47 16.83
C PHE E 71 -6.15 21.75 17.80
N ALA E 72 -5.34 22.49 18.56
CA ALA E 72 -4.50 21.87 19.58
C ALA E 72 -5.34 21.30 20.71
N ARG E 73 -6.43 21.99 21.06
CA ARG E 73 -7.28 21.46 22.12
C ARG E 73 -8.05 20.24 21.64
N VAL E 74 -8.55 20.28 20.39
CA VAL E 74 -9.32 19.15 19.89
C VAL E 74 -8.42 17.97 19.54
N VAL E 75 -7.11 18.18 19.43
CA VAL E 75 -6.25 17.03 19.24
C VAL E 75 -5.70 16.53 20.57
N ARG E 76 -5.58 17.39 21.58
CA ARG E 76 -5.17 16.89 22.87
C ARG E 76 -6.30 16.23 23.61
N GLU E 77 -7.54 16.48 23.17
CA GLU E 77 -8.67 15.76 23.73
C GLU E 77 -8.64 14.29 23.38
N ILE E 78 -8.21 13.94 22.18
CA ILE E 78 -8.35 12.57 21.71
C ILE E 78 -7.36 11.62 22.38
N CYS E 79 -6.21 12.13 22.83
CA CYS E 79 -5.26 11.28 23.55
C CYS E 79 -5.82 10.82 24.88
N LEU E 80 -6.67 11.61 25.51
CA LEU E 80 -7.35 11.15 26.71
C LEU E 80 -8.51 10.22 26.36
N LEU E 81 -8.86 10.11 25.09
CA LEU E 81 -9.90 9.16 24.69
C LEU E 81 -9.28 7.83 24.26
N PHE E 82 -7.96 7.78 24.08
CA PHE E 82 -7.36 6.57 23.54
C PHE E 82 -6.29 5.94 24.42
N THR E 83 -5.68 6.70 25.32
CA THR E 83 -4.52 6.21 26.03
C THR E 83 -4.78 5.91 27.49
N ARG E 84 -6.05 5.81 27.89
CA ARG E 84 -6.50 5.53 29.24
C ARG E 84 -5.99 6.58 30.22
N GLY E 85 -6.44 7.80 30.00
CA GLY E 85 -6.24 8.88 30.94
C GLY E 85 -4.93 9.63 30.98
N VAL E 86 -3.83 8.94 30.72
CA VAL E 86 -2.51 9.55 30.83
C VAL E 86 -2.32 10.52 29.67
N ASP E 87 -1.80 11.71 29.99
CA ASP E 87 -1.56 12.70 28.95
C ASP E 87 -0.22 12.47 28.29
N TYR E 88 -0.21 12.61 26.97
CA TYR E 88 1.02 12.49 26.20
C TYR E 88 1.40 13.88 25.73
N ARG E 89 2.70 14.18 25.80
CA ARG E 89 3.14 15.44 25.25
C ARG E 89 3.15 15.37 23.74
N TRP E 90 2.78 16.48 23.12
CA TRP E 90 2.80 16.57 21.68
C TRP E 90 3.96 17.46 21.31
N GLN E 91 4.94 16.92 20.59
CA GLN E 91 6.04 17.75 20.12
C GLN E 91 5.50 18.75 19.14
N ALA E 92 5.94 20.00 19.26
CA ALA E 92 5.25 21.12 18.62
C ALA E 92 5.46 21.20 17.12
N MET E 93 6.17 20.25 16.52
CA MET E 93 6.12 20.12 15.08
C MET E 93 5.03 19.16 14.63
N ALA E 94 4.76 18.11 15.41
CA ALA E 94 3.78 17.12 15.01
C ALA E 94 2.37 17.68 15.01
N LEU E 95 2.11 18.67 15.87
CA LEU E 95 0.87 19.41 15.78
C LEU E 95 0.74 20.13 14.45
N LEU E 96 1.82 20.67 13.93
CA LEU E 96 1.74 21.25 12.60
C LEU E 96 1.56 20.19 11.54
N ALA E 97 2.01 18.96 11.79
CA ALA E 97 1.81 17.91 10.80
C ALA E 97 0.35 17.48 10.74
N LEU E 98 -0.28 17.31 11.90
CA LEU E 98 -1.71 17.02 11.88
C LEU E 98 -2.49 18.20 11.34
N GLN E 99 -2.09 19.42 11.69
CA GLN E 99 -2.69 20.63 11.18
C GLN E 99 -2.53 20.76 9.69
N GLU E 100 -1.51 20.15 9.11
CA GLU E 100 -1.36 20.19 7.67
C GLU E 100 -2.15 19.09 6.98
N ALA E 101 -2.04 17.85 7.47
CA ALA E 101 -2.68 16.76 6.77
C ALA E 101 -4.19 16.77 6.94
N ALA E 102 -4.68 17.32 8.04
CA ALA E 102 -6.13 17.40 8.23
C ALA E 102 -6.75 18.33 7.20
N GLU E 103 -6.11 19.46 6.93
CA GLU E 103 -6.65 20.35 5.92
C GLU E 103 -6.44 19.76 4.54
N ALA E 104 -5.31 19.10 4.31
CA ALA E 104 -5.04 18.58 2.98
C ALA E 104 -5.92 17.38 2.66
N PHE E 105 -6.53 16.77 3.66
CA PHE E 105 -7.53 15.75 3.40
C PHE E 105 -8.94 16.35 3.33
N LEU E 106 -9.28 17.23 4.26
CA LEU E 106 -10.61 17.78 4.33
C LEU E 106 -10.93 18.68 3.14
N VAL E 107 -9.94 19.35 2.57
CA VAL E 107 -10.25 20.17 1.43
C VAL E 107 -10.46 19.30 0.20
N HIS E 108 -9.85 18.12 0.17
CA HIS E 108 -10.15 17.16 -0.89
C HIS E 108 -11.56 16.64 -0.77
N LEU E 109 -11.97 16.35 0.46
CA LEU E 109 -13.33 15.89 0.70
C LEU E 109 -14.35 16.93 0.28
N LEU E 110 -14.12 18.19 0.66
CA LEU E 110 -15.09 19.23 0.34
C LEU E 110 -15.13 19.56 -1.14
N GLU E 111 -13.97 19.59 -1.79
CA GLU E 111 -13.92 19.85 -3.21
C GLU E 111 -14.59 18.74 -4.01
N ASP E 112 -14.37 17.48 -3.63
CA ASP E 112 -14.97 16.39 -4.37
C ASP E 112 -16.47 16.33 -4.13
N ALA E 113 -16.92 16.64 -2.92
CA ALA E 113 -18.35 16.69 -2.68
C ALA E 113 -18.99 17.85 -3.44
N TYR E 114 -18.28 18.96 -3.60
CA TYR E 114 -18.83 20.04 -4.41
C TYR E 114 -18.93 19.67 -5.85
N LEU E 115 -17.98 18.88 -6.34
CA LEU E 115 -18.06 18.37 -7.69
C LEU E 115 -19.28 17.48 -7.87
N CYS E 116 -19.54 16.63 -6.86
CA CYS E 116 -20.74 15.81 -6.88
C CYS E 116 -22.01 16.64 -6.85
N SER E 117 -22.00 17.73 -6.08
CA SER E 117 -23.20 18.55 -6.01
C SER E 117 -23.43 19.35 -7.27
N LEU E 118 -22.35 19.79 -7.91
CA LEU E 118 -22.44 20.41 -9.22
C LEU E 118 -22.97 19.44 -10.26
N HIS E 119 -22.66 18.16 -10.10
CA HIS E 119 -23.24 17.15 -10.96
C HIS E 119 -24.75 17.03 -10.76
N ALA E 120 -25.24 17.35 -9.57
CA ALA E 120 -26.66 17.21 -9.30
C ALA E 120 -27.49 18.39 -9.77
N ARG E 121 -26.92 19.25 -10.65
CA ARG E 121 -27.58 20.41 -11.22
C ARG E 121 -28.06 21.39 -10.16
N ARG E 122 -27.25 21.55 -9.11
CA ARG E 122 -27.51 22.55 -8.08
C ARG E 122 -26.18 23.11 -7.61
N VAL E 123 -26.15 24.41 -7.36
CA VAL E 123 -24.86 25.07 -7.25
C VAL E 123 -24.34 25.03 -5.81
N THR E 124 -25.18 24.74 -4.84
CA THR E 124 -24.73 24.75 -3.45
C THR E 124 -24.30 23.36 -3.02
N LEU E 125 -24.10 23.20 -1.73
CA LEU E 125 -23.64 21.94 -1.14
C LEU E 125 -24.63 21.51 -0.06
N TYR E 126 -24.52 20.25 0.35
CA TYR E 126 -25.51 19.65 1.23
C TYR E 126 -24.84 18.54 2.02
N PRO E 127 -25.45 18.10 3.12
CA PRO E 127 -24.92 16.92 3.81
C PRO E 127 -25.07 15.64 3.01
N LYS E 128 -26.03 15.57 2.10
CA LYS E 128 -26.12 14.41 1.23
C LYS E 128 -24.90 14.29 0.35
N ASP E 129 -24.34 15.41 -0.09
CA ASP E 129 -23.23 15.33 -1.01
C ASP E 129 -21.91 15.09 -0.31
N LEU E 130 -21.76 15.57 0.93
CA LEU E 130 -20.63 15.14 1.71
C LEU E 130 -20.74 13.66 2.06
N GLN E 131 -21.96 13.18 2.28
CA GLN E 131 -22.19 11.75 2.49
C GLN E 131 -21.77 10.94 1.27
N LEU E 132 -22.11 11.44 0.08
CA LEU E 132 -21.81 10.68 -1.12
C LEU E 132 -20.33 10.67 -1.43
N ALA E 133 -19.66 11.81 -1.25
CA ALA E 133 -18.24 11.82 -1.52
C ALA E 133 -17.45 11.13 -0.42
N ARG E 134 -18.04 10.96 0.76
CA ARG E 134 -17.38 10.08 1.71
C ARG E 134 -17.60 8.63 1.36
N ARG E 135 -18.74 8.28 0.76
CA ARG E 135 -18.96 6.86 0.51
C ARG E 135 -18.16 6.34 -0.68
N LEU E 136 -18.05 7.11 -1.76
CA LEU E 136 -17.36 6.58 -2.93
C LEU E 136 -15.85 6.70 -2.82
N ARG E 137 -15.29 6.28 -1.70
CA ARG E 137 -13.87 6.18 -1.52
C ARG E 137 -13.50 4.89 -0.85
N GLY E 138 -14.49 4.04 -0.57
CA GLY E 138 -14.25 2.75 -0.01
C GLY E 138 -13.69 2.83 1.41
N LEU E 139 -12.60 2.11 1.59
CA LEU E 139 -11.89 2.15 2.86
C LEU E 139 -10.63 2.99 2.79
N GLN E 140 -10.35 3.60 1.64
CA GLN E 140 -9.16 4.40 1.40
C GLN E 140 -9.10 5.64 2.28
N GLY E 141 -10.25 6.18 2.68
CA GLY E 141 -10.23 7.26 3.66
C GLY E 141 -10.05 6.74 5.06
N GLU E 142 -10.40 5.47 5.28
CA GLU E 142 -10.31 4.89 6.63
C GLU E 142 -9.21 3.86 6.78
N GLY E 143 -8.49 3.53 5.72
CA GLY E 143 -7.37 2.61 5.83
C GLY E 143 -7.62 1.27 5.17
N ARG F 27 -15.30 24.72 28.03
CA ARG F 27 -16.44 23.87 28.32
C ARG F 27 -16.61 22.83 27.21
N ASP F 28 -16.93 23.32 26.01
CA ASP F 28 -17.07 22.49 24.83
C ASP F 28 -15.77 22.51 24.03
N ASN F 29 -15.39 21.34 23.49
CA ASN F 29 -14.08 21.21 22.87
C ASN F 29 -14.11 20.98 21.38
N ILE F 30 -15.27 20.67 20.80
CA ILE F 30 -15.34 20.34 19.38
C ILE F 30 -15.63 21.53 18.50
N GLN F 31 -16.14 22.63 19.07
CA GLN F 31 -16.52 23.80 18.30
C GLN F 31 -15.39 24.80 18.18
N GLY F 32 -14.14 24.37 18.32
CA GLY F 32 -13.03 25.23 17.98
C GLY F 32 -12.92 25.43 16.48
N ILE F 33 -13.28 24.42 15.70
CA ILE F 33 -13.33 24.52 14.27
C ILE F 33 -14.54 25.37 13.97
N THR F 34 -14.35 26.68 13.85
CA THR F 34 -15.49 27.55 14.02
C THR F 34 -16.24 27.79 12.72
N LYS F 35 -17.45 28.31 12.87
CA LYS F 35 -18.45 28.57 11.84
C LYS F 35 -17.96 29.32 10.61
N PRO F 36 -16.94 30.16 10.64
CA PRO F 36 -16.31 30.57 9.38
C PRO F 36 -15.05 29.83 9.00
N ALA F 37 -14.46 29.04 9.91
CA ALA F 37 -13.25 28.31 9.55
C ALA F 37 -13.56 27.20 8.57
N ILE F 38 -14.68 26.51 8.79
CA ILE F 38 -15.15 25.57 7.79
C ILE F 38 -15.54 26.30 6.53
N ARG F 39 -16.09 27.51 6.66
CA ARG F 39 -16.34 28.32 5.48
C ARG F 39 -15.03 28.70 4.82
N ARG F 40 -13.97 28.91 5.59
CA ARG F 40 -12.68 29.20 4.97
C ARG F 40 -12.13 28.00 4.21
N LEU F 41 -12.32 26.79 4.76
CA LEU F 41 -11.89 25.59 4.07
C LEU F 41 -12.66 25.37 2.78
N ALA F 42 -13.98 25.56 2.83
CA ALA F 42 -14.78 25.41 1.62
C ALA F 42 -14.41 26.46 0.58
N ARG F 43 -14.20 27.70 1.02
CA ARG F 43 -13.76 28.74 0.10
C ARG F 43 -12.32 28.55 -0.34
N ARG F 44 -11.58 27.61 0.23
CA ARG F 44 -10.37 27.18 -0.44
C ARG F 44 -10.70 26.14 -1.51
N GLY F 45 -11.60 25.24 -1.21
CA GLY F 45 -11.80 24.12 -2.11
C GLY F 45 -12.75 24.36 -3.25
N GLY F 46 -12.91 25.58 -3.70
CA GLY F 46 -13.80 25.87 -4.80
C GLY F 46 -15.26 25.63 -4.46
N VAL F 47 -15.79 26.34 -3.48
CA VAL F 47 -17.17 26.20 -3.05
C VAL F 47 -17.79 27.59 -3.09
N LYS F 48 -18.89 27.74 -3.81
CA LYS F 48 -19.48 29.07 -3.92
C LYS F 48 -20.51 29.36 -2.84
N ARG F 49 -21.21 28.37 -2.33
CA ARG F 49 -22.24 28.64 -1.34
C ARG F 49 -22.51 27.37 -0.55
N ILE F 50 -22.55 27.48 0.78
CA ILE F 50 -22.61 26.33 1.66
C ILE F 50 -23.96 26.35 2.37
N SER F 51 -24.52 25.18 2.65
CA SER F 51 -25.66 25.10 3.53
C SER F 51 -25.26 25.45 4.96
N GLY F 52 -26.28 25.59 5.80
CA GLY F 52 -26.06 25.86 7.20
C GLY F 52 -25.95 24.63 8.06
N LEU F 53 -25.82 23.45 7.45
CA LEU F 53 -25.69 22.22 8.20
C LEU F 53 -24.31 21.61 8.11
N ILE F 54 -23.48 22.08 7.17
CA ILE F 54 -22.14 21.54 7.01
C ILE F 54 -21.27 21.92 8.19
N TYR F 55 -21.51 23.09 8.78
CA TYR F 55 -20.73 23.56 9.92
C TYR F 55 -20.85 22.65 11.13
N GLU F 56 -21.94 21.91 11.23
CA GLU F 56 -22.01 20.89 12.27
C GLU F 56 -21.61 19.52 11.75
N GLU F 57 -21.93 19.21 10.49
CA GLU F 57 -21.74 17.83 10.04
C GLU F 57 -20.29 17.49 9.75
N THR F 58 -19.50 18.44 9.24
CA THR F 58 -18.14 18.09 8.87
C THR F 58 -17.22 17.93 10.07
N ARG F 59 -17.65 18.36 11.26
CA ARG F 59 -16.86 18.09 12.44
C ARG F 59 -16.82 16.61 12.74
N GLY F 60 -17.87 15.87 12.35
CA GLY F 60 -17.83 14.42 12.46
C GLY F 60 -16.74 13.78 11.63
N VAL F 61 -16.58 14.24 10.38
CA VAL F 61 -15.55 13.68 9.52
C VAL F 61 -14.17 14.08 10.01
N LEU F 62 -14.02 15.33 10.46
CA LEU F 62 -12.74 15.76 10.99
C LEU F 62 -12.37 14.99 12.25
N LYS F 63 -13.35 14.67 13.09
CA LYS F 63 -13.02 13.93 14.30
C LYS F 63 -12.77 12.46 14.01
N VAL F 64 -13.45 11.88 13.02
CA VAL F 64 -13.19 10.48 12.68
C VAL F 64 -11.81 10.33 12.08
N PHE F 65 -11.41 11.27 11.22
CA PHE F 65 -10.06 11.24 10.66
C PHE F 65 -9.00 11.45 11.73
N LEU F 66 -9.25 12.36 12.68
CA LEU F 66 -8.28 12.57 13.74
C LEU F 66 -8.19 11.36 14.66
N GLU F 67 -9.29 10.65 14.86
CA GLU F 67 -9.24 9.41 15.62
C GLU F 67 -8.40 8.37 14.90
N ASN F 68 -8.64 8.19 13.61
CA ASN F 68 -7.88 7.18 12.88
C ASN F 68 -6.45 7.57 12.60
N VAL F 69 -6.01 8.79 12.91
CA VAL F 69 -4.59 9.09 12.88
C VAL F 69 -3.95 8.97 14.25
N ILE F 70 -4.57 9.55 15.28
CA ILE F 70 -3.94 9.51 16.60
C ILE F 70 -3.95 8.11 17.18
N ARG F 71 -4.93 7.28 16.81
CA ARG F 71 -4.98 5.90 17.28
C ARG F 71 -3.83 5.06 16.76
N ASP F 72 -3.18 5.50 15.69
CA ASP F 72 -1.92 4.90 15.30
C ASP F 72 -0.72 5.66 15.80
N ALA F 73 -0.85 6.98 15.98
CA ALA F 73 0.30 7.78 16.39
C ALA F 73 0.70 7.46 17.82
N VAL F 74 -0.27 7.36 18.73
CA VAL F 74 0.07 7.00 20.08
C VAL F 74 0.46 5.54 20.17
N THR F 75 0.02 4.68 19.25
CA THR F 75 0.46 3.29 19.27
C THR F 75 1.92 3.19 18.88
N TYR F 76 2.33 3.97 17.88
CA TYR F 76 3.74 4.01 17.50
C TYR F 76 4.60 4.57 18.62
N THR F 77 4.23 5.74 19.14
CA THR F 77 5.11 6.31 20.15
C THR F 77 4.95 5.67 21.50
N GLU F 78 3.95 4.81 21.68
CA GLU F 78 3.88 3.96 22.84
C GLU F 78 4.75 2.74 22.65
N HIS F 79 4.96 2.35 21.39
CA HIS F 79 5.79 1.18 21.14
C HIS F 79 7.25 1.46 21.45
N ALA F 80 7.74 2.66 21.19
CA ALA F 80 9.14 2.96 21.43
C ALA F 80 9.41 3.36 22.87
N LYS F 81 8.44 3.16 23.76
CA LYS F 81 8.56 3.41 25.20
C LYS F 81 8.92 4.85 25.50
N ARG F 82 8.35 5.76 24.73
CA ARG F 82 8.52 7.19 24.96
C ARG F 82 7.19 7.78 25.39
N LYS F 83 7.20 9.05 25.78
CA LYS F 83 5.98 9.67 26.25
C LYS F 83 5.69 10.97 25.51
N THR F 84 6.49 11.28 24.51
CA THR F 84 6.15 12.34 23.58
C THR F 84 5.58 11.71 22.31
N VAL F 85 5.15 12.55 21.37
CA VAL F 85 4.67 12.08 20.06
C VAL F 85 5.52 12.78 19.02
N THR F 86 6.59 12.14 18.58
CA THR F 86 7.53 12.77 17.67
C THR F 86 6.90 12.87 16.30
N ALA F 87 7.33 13.89 15.54
CA ALA F 87 6.79 14.15 14.21
C ALA F 87 7.09 13.03 13.22
N MET F 88 8.09 12.20 13.47
CA MET F 88 8.22 11.00 12.66
C MET F 88 7.07 10.04 12.87
N ASP F 89 6.53 9.98 14.09
CA ASP F 89 5.43 9.07 14.35
C ASP F 89 4.07 9.70 14.11
N VAL F 90 4.02 10.74 13.28
CA VAL F 90 2.81 11.16 12.63
C VAL F 90 2.85 10.85 11.15
N VAL F 91 4.03 11.03 10.52
CA VAL F 91 4.22 10.57 9.15
C VAL F 91 4.14 9.06 9.08
N TYR F 92 4.68 8.37 10.08
CA TYR F 92 4.64 6.93 10.07
C TYR F 92 3.29 6.37 10.42
N ALA F 93 2.34 7.20 10.84
CA ALA F 93 0.96 6.77 10.93
C ALA F 93 0.16 7.16 9.71
N LEU F 94 0.42 8.34 9.17
CA LEU F 94 -0.26 8.79 7.97
C LEU F 94 0.12 7.95 6.75
N LYS F 95 1.29 7.32 6.78
CA LYS F 95 1.63 6.38 5.72
C LYS F 95 0.80 5.13 5.84
N ARG F 96 0.57 4.66 7.06
CA ARG F 96 -0.27 3.50 7.28
C ARG F 96 -1.73 3.80 6.96
N GLN F 97 -2.15 5.07 7.07
CA GLN F 97 -3.50 5.40 6.64
C GLN F 97 -3.62 5.34 5.12
N GLY F 98 -2.65 5.91 4.42
CA GLY F 98 -2.66 5.88 2.96
C GLY F 98 -2.27 7.19 2.32
N ARG F 99 -1.87 8.17 3.13
CA ARG F 99 -1.49 9.51 2.67
C ARG F 99 -0.19 9.90 3.34
N THR F 100 0.92 9.74 2.63
CA THR F 100 2.20 10.18 3.16
C THR F 100 2.26 11.70 3.17
N LEU F 101 2.86 12.25 4.20
CA LEU F 101 2.92 13.69 4.40
C LEU F 101 4.36 14.14 4.31
N TYR F 102 4.73 14.78 3.21
CA TYR F 102 6.11 15.14 2.99
C TYR F 102 6.50 16.33 3.84
N GLY F 103 7.79 16.63 3.86
CA GLY F 103 8.27 17.81 4.56
C GLY F 103 8.31 17.67 6.06
N PHE F 104 8.36 16.46 6.57
CA PHE F 104 8.53 16.27 8.01
C PHE F 104 9.46 15.12 8.29
N GLY F 105 10.41 14.86 7.39
CA GLY F 105 11.37 13.82 7.62
C GLY F 105 12.34 14.14 8.73
N ARG G 15 17.90 -39.99 23.38
CA ARG G 15 18.02 -38.59 22.99
C ARG G 15 17.05 -37.72 23.76
N ALA G 16 15.89 -37.45 23.16
CA ALA G 16 14.87 -36.63 23.79
C ALA G 16 13.52 -36.97 23.17
N LYS G 17 12.48 -36.29 23.63
CA LYS G 17 11.13 -36.51 23.16
C LYS G 17 10.87 -35.69 21.90
N ALA G 18 10.12 -36.30 20.98
CA ALA G 18 9.74 -35.63 19.73
C ALA G 18 8.47 -34.82 19.95
N LYS G 19 8.63 -33.65 20.54
CA LYS G 19 7.51 -32.76 20.86
C LYS G 19 7.58 -31.54 19.98
N THR G 20 6.56 -31.35 19.15
CA THR G 20 6.53 -30.20 18.26
C THR G 20 6.32 -28.91 19.02
N ARG G 21 6.80 -27.81 18.42
CA ARG G 21 6.68 -26.51 19.05
C ARG G 21 5.26 -26.00 19.05
N SER G 22 4.41 -26.54 18.18
CA SER G 22 3.01 -26.17 18.20
C SER G 22 2.32 -26.74 19.44
N SER G 23 2.69 -27.96 19.83
CA SER G 23 2.09 -28.58 21.01
C SER G 23 2.57 -27.99 22.31
N ARG G 24 3.62 -27.17 22.29
CA ARG G 24 3.96 -26.36 23.45
C ARG G 24 3.20 -25.05 23.45
N ALA G 25 2.17 -24.93 22.63
CA ALA G 25 1.19 -23.89 22.76
C ALA G 25 -0.23 -24.40 22.60
N GLY G 26 -0.42 -25.65 22.21
CA GLY G 26 -1.74 -26.12 21.84
C GLY G 26 -2.25 -25.48 20.57
N LEU G 27 -1.36 -25.20 19.63
CA LEU G 27 -1.68 -24.41 18.46
C LEU G 27 -1.75 -25.27 17.21
N GLN G 28 -2.80 -25.06 16.43
CA GLN G 28 -3.10 -25.90 15.29
C GLN G 28 -2.38 -25.42 14.04
N PHE G 29 -1.65 -24.32 14.13
CA PHE G 29 -0.80 -23.84 13.06
C PHE G 29 0.65 -24.10 13.42
N PRO G 30 1.50 -24.44 12.46
CA PRO G 30 2.86 -24.82 12.78
C PRO G 30 3.66 -23.61 13.21
N VAL G 31 4.69 -23.86 14.01
CA VAL G 31 5.51 -22.76 14.49
C VAL G 31 6.84 -22.76 13.76
N GLY G 32 7.37 -23.95 13.49
CA GLY G 32 8.64 -24.03 12.76
C GLY G 32 8.52 -23.50 11.35
N ARG G 33 7.35 -23.63 10.75
CA ARG G 33 7.11 -23.06 9.44
C ARG G 33 7.15 -21.55 9.49
N VAL G 34 6.51 -20.94 10.50
CA VAL G 34 6.50 -19.49 10.61
C VAL G 34 7.89 -18.98 10.92
N HIS G 35 8.66 -19.70 11.73
CA HIS G 35 10.01 -19.26 12.05
C HIS G 35 10.93 -19.38 10.85
N ARG G 36 10.74 -20.43 10.04
CA ARG G 36 11.52 -20.53 8.81
C ARG G 36 11.14 -19.44 7.84
N LEU G 37 9.85 -19.08 7.78
CA LEU G 37 9.45 -18.04 6.86
C LEU G 37 9.90 -16.68 7.33
N LEU G 38 10.09 -16.49 8.63
CA LEU G 38 10.55 -15.19 9.08
C LEU G 38 12.06 -15.06 9.02
N ARG G 39 12.80 -16.16 9.11
CA ARG G 39 14.22 -16.07 8.82
C ARG G 39 14.43 -15.89 7.33
N LYS G 40 13.97 -16.87 6.54
CA LYS G 40 14.36 -16.98 5.15
C LYS G 40 13.67 -15.95 4.28
N GLY G 41 12.48 -15.50 4.67
CA GLY G 41 11.78 -14.50 3.91
C GLY G 41 12.35 -13.10 4.01
N ASN G 42 13.38 -12.91 4.84
CA ASN G 42 14.09 -11.65 5.03
C ASN G 42 13.16 -10.52 5.49
N TYR G 43 12.68 -10.68 6.72
CA TYR G 43 12.01 -9.59 7.40
C TYR G 43 12.85 -8.99 8.49
N SER G 44 13.92 -9.64 8.89
CA SER G 44 14.92 -9.06 9.80
C SER G 44 16.22 -9.83 9.66
N GLU G 45 17.20 -9.41 10.44
CA GLU G 45 18.39 -10.23 10.61
C GLU G 45 18.09 -11.42 11.51
N ARG G 46 17.66 -11.15 12.74
CA ARG G 46 17.36 -12.19 13.71
C ARG G 46 15.89 -12.12 14.07
N VAL G 47 15.26 -13.28 14.20
CA VAL G 47 13.87 -13.38 14.57
C VAL G 47 13.81 -14.05 15.92
N GLY G 48 13.29 -13.35 16.91
CA GLY G 48 13.28 -13.87 18.27
C GLY G 48 12.32 -15.03 18.42
N ALA G 49 12.52 -15.79 19.49
CA ALA G 49 11.78 -17.05 19.63
C ALA G 49 10.33 -16.83 20.01
N GLY G 50 9.98 -15.66 20.53
CA GLY G 50 8.59 -15.43 20.87
C GLY G 50 7.71 -15.05 19.71
N ALA G 51 8.30 -14.50 18.64
CA ALA G 51 7.49 -14.02 17.53
C ALA G 51 6.74 -15.10 16.76
N PRO G 52 7.30 -16.27 16.42
CA PRO G 52 6.46 -17.28 15.79
C PRO G 52 5.41 -17.86 16.70
N VAL G 53 5.69 -17.94 18.00
CA VAL G 53 4.69 -18.36 18.98
C VAL G 53 3.53 -17.41 18.98
N TYR G 54 3.80 -16.11 18.86
CA TYR G 54 2.72 -15.16 18.82
C TYR G 54 1.97 -15.25 17.51
N LEU G 55 2.71 -15.36 16.41
CA LEU G 55 2.10 -15.19 15.10
C LEU G 55 1.26 -16.40 14.70
N ALA G 56 1.64 -17.59 15.15
CA ALA G 56 0.80 -18.74 14.89
C ALA G 56 -0.54 -18.63 15.60
N ALA G 57 -0.56 -18.01 16.78
CA ALA G 57 -1.83 -17.81 17.46
C ALA G 57 -2.68 -16.78 16.76
N VAL G 58 -2.06 -15.71 16.25
CA VAL G 58 -2.85 -14.70 15.56
C VAL G 58 -3.47 -15.26 14.29
N LEU G 59 -2.72 -16.08 13.55
CA LEU G 59 -3.31 -16.68 12.37
C LEU G 59 -4.36 -17.73 12.72
N GLU G 60 -4.18 -18.45 13.83
CA GLU G 60 -5.20 -19.39 14.28
C GLU G 60 -6.49 -18.66 14.61
N TYR G 61 -6.38 -17.54 15.29
CA TYR G 61 -7.55 -16.77 15.65
C TYR G 61 -8.25 -16.21 14.41
N LEU G 62 -7.48 -15.73 13.44
CA LEU G 62 -8.11 -15.15 12.26
C LEU G 62 -8.78 -16.19 11.39
N THR G 63 -8.14 -17.35 11.24
CA THR G 63 -8.74 -18.40 10.42
C THR G 63 -10.00 -18.95 11.07
N ALA G 64 -10.01 -19.05 12.40
CA ALA G 64 -11.22 -19.48 13.08
C ALA G 64 -12.31 -18.43 12.96
N GLU G 65 -11.94 -17.14 12.99
CA GLU G 65 -12.94 -16.09 12.84
C GLU G 65 -13.59 -16.10 11.48
N ILE G 66 -12.84 -16.46 10.45
CA ILE G 66 -13.49 -16.58 9.15
C ILE G 66 -14.36 -17.83 9.10
N LEU G 67 -13.80 -18.97 9.50
CA LEU G 67 -14.47 -20.25 9.25
C LEU G 67 -15.73 -20.43 10.07
N GLU G 68 -15.82 -19.79 11.23
CA GLU G 68 -17.03 -19.93 12.04
C GLU G 68 -18.22 -19.25 11.37
N LEU G 69 -18.03 -18.02 10.90
CA LEU G 69 -19.09 -17.34 10.17
C LEU G 69 -19.33 -18.00 8.82
N ALA G 70 -18.30 -18.64 8.27
CA ALA G 70 -18.50 -19.43 7.06
C ALA G 70 -19.45 -20.58 7.32
N GLY G 71 -19.29 -21.27 8.45
CA GLY G 71 -20.20 -22.35 8.79
C GLY G 71 -21.61 -21.87 9.06
N ASN G 72 -21.75 -20.72 9.72
CA ASN G 72 -23.08 -20.14 9.92
C ASN G 72 -23.72 -19.76 8.60
N ALA G 73 -22.94 -19.35 7.62
CA ALA G 73 -23.51 -19.14 6.30
C ALA G 73 -23.82 -20.47 5.63
N ALA G 74 -23.07 -21.52 5.95
CA ALA G 74 -23.23 -22.80 5.28
C ALA G 74 -24.52 -23.48 5.68
N ARG G 75 -24.78 -23.55 6.99
CA ARG G 75 -25.98 -24.19 7.48
C ARG G 75 -27.24 -23.43 7.11
N ASP G 76 -27.13 -22.14 6.83
CA ASP G 76 -28.27 -21.36 6.39
C ASP G 76 -28.50 -21.44 4.90
N ASN G 77 -27.84 -22.38 4.23
CA ASN G 77 -28.22 -22.76 2.88
C ASN G 77 -28.34 -24.26 2.75
N LYS G 78 -28.25 -24.98 3.88
CA LYS G 78 -28.52 -26.42 3.99
C LYS G 78 -27.58 -27.24 3.12
N LYS G 79 -26.30 -26.95 3.22
CA LYS G 79 -25.27 -27.77 2.58
C LYS G 79 -24.26 -28.20 3.64
N THR G 80 -23.17 -28.76 3.23
CA THR G 80 -22.14 -29.12 4.21
C THR G 80 -20.78 -28.61 3.82
N ARG G 81 -20.43 -28.64 2.55
CA ARG G 81 -19.15 -28.11 2.10
C ARG G 81 -19.29 -26.62 1.83
N ILE G 82 -18.25 -25.87 2.20
CA ILE G 82 -18.26 -24.42 2.05
C ILE G 82 -17.67 -24.07 0.69
N ILE G 83 -18.46 -23.42 -0.15
CA ILE G 83 -17.96 -22.93 -1.43
C ILE G 83 -17.56 -21.49 -1.18
N PRO G 84 -16.83 -20.80 -2.07
CA PRO G 84 -16.47 -19.41 -1.81
C PRO G 84 -17.62 -18.44 -1.64
N ARG G 85 -18.83 -18.80 -2.06
CA ARG G 85 -19.96 -17.89 -1.90
C ARG G 85 -20.28 -17.67 -0.44
N HIS G 86 -20.18 -18.71 0.39
CA HIS G 86 -20.35 -18.49 1.82
C HIS G 86 -19.22 -17.66 2.40
N LEU G 87 -18.02 -17.77 1.84
CA LEU G 87 -16.92 -16.96 2.35
C LEU G 87 -17.12 -15.49 2.02
N GLN G 88 -17.64 -15.20 0.83
CA GLN G 88 -17.95 -13.82 0.51
C GLN G 88 -19.11 -13.31 1.35
N LEU G 89 -20.12 -14.15 1.58
CA LEU G 89 -21.25 -13.69 2.35
C LEU G 89 -20.98 -13.66 3.85
N ALA G 90 -19.87 -14.22 4.30
CA ALA G 90 -19.53 -14.15 5.70
C ALA G 90 -18.30 -13.30 5.99
N ILE G 91 -17.60 -12.83 4.97
CA ILE G 91 -16.60 -11.80 5.20
C ILE G 91 -17.23 -10.42 5.17
N ARG G 92 -18.10 -10.14 4.21
CA ARG G 92 -18.65 -8.80 4.06
C ARG G 92 -19.97 -8.63 4.79
N ASN G 93 -20.16 -9.31 5.91
CA ASN G 93 -21.38 -9.10 6.67
C ASN G 93 -21.08 -8.69 8.12
N ASP G 94 -19.87 -8.21 8.40
CA ASP G 94 -19.53 -7.77 9.74
C ASP G 94 -18.42 -6.73 9.67
N GLU G 95 -18.65 -5.58 10.32
CA GLU G 95 -17.74 -4.45 10.22
C GLU G 95 -16.39 -4.75 10.85
N GLU G 96 -16.32 -5.66 11.82
CA GLU G 96 -15.03 -5.98 12.38
C GLU G 96 -14.16 -6.83 11.46
N LEU G 97 -14.70 -7.32 10.34
CA LEU G 97 -13.87 -7.96 9.32
C LEU G 97 -13.95 -7.30 7.97
N ASN G 98 -15.05 -6.63 7.65
CA ASN G 98 -15.16 -5.98 6.35
C ASN G 98 -14.15 -4.85 6.21
N LYS G 99 -13.88 -4.13 7.30
CA LYS G 99 -12.88 -3.07 7.27
C LYS G 99 -11.47 -3.62 7.12
N LEU G 100 -11.25 -4.88 7.48
CA LEU G 100 -9.93 -5.45 7.23
C LEU G 100 -9.77 -5.83 5.78
N LEU G 101 -10.82 -6.32 5.13
CA LEU G 101 -10.70 -6.85 3.78
C LEU G 101 -11.44 -6.01 2.77
N GLY G 102 -11.31 -4.70 2.85
CA GLY G 102 -11.93 -3.84 1.87
C GLY G 102 -11.22 -3.82 0.53
N ARG G 103 -9.93 -4.10 0.53
CA ARG G 103 -9.14 -4.11 -0.69
C ARG G 103 -8.85 -5.52 -1.17
N VAL G 104 -9.78 -6.45 -0.96
CA VAL G 104 -9.60 -7.82 -1.41
C VAL G 104 -10.88 -8.24 -2.10
N THR G 105 -10.78 -8.64 -3.36
CA THR G 105 -11.89 -9.36 -3.95
C THR G 105 -11.73 -10.86 -3.72
N ILE G 106 -12.83 -11.56 -3.73
CA ILE G 106 -12.84 -13.00 -3.53
C ILE G 106 -13.14 -13.67 -4.86
N ALA G 107 -12.39 -14.72 -5.16
CA ALA G 107 -12.61 -15.48 -6.39
C ALA G 107 -13.98 -16.13 -6.38
N GLN G 108 -14.82 -15.74 -7.34
CA GLN G 108 -16.19 -16.21 -7.52
C GLN G 108 -17.01 -16.04 -6.24
N GLY G 109 -16.98 -14.82 -5.72
CA GLY G 109 -17.61 -14.60 -4.46
C GLY G 109 -19.04 -14.14 -4.58
N GLY G 110 -19.34 -13.33 -5.58
CA GLY G 110 -20.65 -12.75 -5.69
C GLY G 110 -20.74 -11.49 -4.86
N VAL G 111 -21.93 -10.89 -4.89
CA VAL G 111 -22.19 -9.65 -4.19
C VAL G 111 -23.25 -9.96 -3.14
N LEU G 112 -23.29 -9.12 -2.11
CA LEU G 112 -24.33 -9.19 -1.09
C LEU G 112 -25.70 -8.95 -1.73
N PRO G 113 -26.77 -9.53 -1.16
CA PRO G 113 -28.11 -9.27 -1.69
C PRO G 113 -28.51 -7.83 -1.42
N ASN G 114 -28.43 -7.01 -2.46
CA ASN G 114 -28.35 -5.56 -2.28
C ASN G 114 -29.21 -4.88 -3.32
N ILE G 115 -30.43 -4.54 -2.93
CA ILE G 115 -31.28 -3.65 -3.71
C ILE G 115 -31.25 -2.31 -3.00
N GLN G 116 -31.27 -1.23 -3.76
CA GLN G 116 -31.18 0.10 -3.17
C GLN G 116 -32.53 0.50 -2.58
N ALA G 117 -32.66 1.78 -2.25
CA ALA G 117 -33.84 2.24 -1.51
C ALA G 117 -35.07 2.28 -2.40
N VAL G 118 -35.05 3.12 -3.44
CA VAL G 118 -36.28 3.52 -4.07
C VAL G 118 -36.45 2.87 -5.44
N LEU G 119 -35.89 1.68 -5.63
CA LEU G 119 -36.09 1.00 -6.89
C LEU G 119 -37.38 0.18 -6.89
N LEU G 120 -37.84 -0.23 -5.71
CA LEU G 120 -38.98 -1.12 -5.61
C LEU G 120 -40.27 -0.38 -6.00
N PRO G 121 -41.25 -1.11 -6.55
CA PRO G 121 -42.52 -0.47 -6.88
C PRO G 121 -43.30 -0.09 -5.63
N LYS G 122 -44.14 0.94 -5.79
CA LYS G 122 -44.90 1.60 -4.72
C LYS G 122 -43.99 2.06 -3.58
N ARG H 35 6.40 -29.98 -9.19
CA ARG H 35 6.20 -31.38 -8.83
C ARG H 35 6.92 -31.68 -7.52
N SER H 36 8.10 -31.09 -7.36
CA SER H 36 9.03 -31.45 -6.29
C SER H 36 8.47 -31.16 -4.90
N ARG H 37 8.29 -29.88 -4.56
CA ARG H 37 7.81 -29.53 -3.24
C ARG H 37 7.21 -28.13 -3.28
N LYS H 38 5.90 -28.05 -3.10
CA LYS H 38 5.17 -26.78 -3.07
C LYS H 38 4.38 -26.77 -1.77
N GLU H 39 5.02 -26.31 -0.69
CA GLU H 39 4.41 -26.36 0.63
C GLU H 39 3.26 -25.36 0.73
N SER H 40 2.32 -25.68 1.61
CA SER H 40 1.12 -24.88 1.70
C SER H 40 0.55 -24.98 3.09
N TYR H 41 -0.61 -24.38 3.27
CA TYR H 41 -1.35 -24.39 4.52
C TYR H 41 -2.63 -25.20 4.36
N SER H 42 -2.55 -26.31 3.65
CA SER H 42 -3.74 -27.09 3.38
C SER H 42 -4.17 -27.90 4.59
N ILE H 43 -3.22 -28.50 5.31
CA ILE H 43 -3.57 -29.40 6.40
C ILE H 43 -4.05 -28.62 7.61
N TYR H 44 -3.45 -27.45 7.85
CA TYR H 44 -3.69 -26.75 9.10
C TYR H 44 -5.06 -26.12 9.15
N VAL H 45 -5.55 -25.60 8.03
CA VAL H 45 -6.91 -25.10 8.01
C VAL H 45 -7.89 -26.22 8.14
N TYR H 46 -7.55 -27.40 7.62
CA TYR H 46 -8.41 -28.56 7.80
C TYR H 46 -8.49 -28.95 9.26
N LYS H 47 -7.35 -28.91 9.94
CA LYS H 47 -7.33 -29.26 11.36
C LYS H 47 -8.08 -28.23 12.19
N VAL H 48 -7.97 -26.96 11.85
CA VAL H 48 -8.70 -25.97 12.62
C VAL H 48 -10.19 -26.01 12.27
N LEU H 49 -10.56 -26.48 11.09
CA LEU H 49 -11.97 -26.66 10.81
C LEU H 49 -12.54 -27.81 11.61
N LYS H 50 -11.81 -28.93 11.67
CA LYS H 50 -12.26 -30.05 12.48
C LYS H 50 -12.20 -29.73 13.97
N GLN H 51 -11.40 -28.75 14.38
CA GLN H 51 -11.55 -28.23 15.73
C GLN H 51 -12.85 -27.48 15.88
N VAL H 52 -13.16 -26.56 14.97
CA VAL H 52 -14.36 -25.75 15.13
C VAL H 52 -15.60 -26.56 14.79
N HIS H 53 -15.59 -27.29 13.68
CA HIS H 53 -16.78 -27.96 13.24
C HIS H 53 -16.50 -29.44 13.04
N PRO H 54 -17.30 -30.29 13.57
CA PRO H 54 -17.10 -31.72 13.30
C PRO H 54 -17.63 -32.09 11.93
N ASP H 55 -18.67 -31.40 11.48
CA ASP H 55 -19.46 -31.86 10.35
C ASP H 55 -19.58 -30.78 9.29
N THR H 56 -18.47 -30.17 8.90
CA THR H 56 -18.44 -29.31 7.72
C THR H 56 -17.27 -29.71 6.84
N GLY H 57 -17.57 -30.08 5.61
CA GLY H 57 -16.53 -30.24 4.61
C GLY H 57 -16.11 -28.90 4.07
N ILE H 58 -15.11 -28.92 3.19
CA ILE H 58 -14.51 -27.71 2.69
C ILE H 58 -13.92 -27.94 1.29
N SER H 59 -14.36 -27.16 0.32
CA SER H 59 -14.00 -27.42 -1.06
C SER H 59 -12.55 -27.04 -1.33
N SER H 60 -12.05 -27.42 -2.50
CA SER H 60 -10.67 -27.11 -2.83
C SER H 60 -10.48 -25.63 -3.13
N LYS H 61 -11.50 -24.98 -3.69
CA LYS H 61 -11.41 -23.53 -3.89
C LYS H 61 -11.43 -22.79 -2.57
N ALA H 62 -12.16 -23.30 -1.59
CA ALA H 62 -12.12 -22.70 -0.27
C ALA H 62 -10.76 -22.90 0.36
N MET H 63 -10.10 -24.01 0.06
CA MET H 63 -8.74 -24.18 0.54
C MET H 63 -7.80 -23.23 -0.17
N GLY H 64 -8.09 -22.87 -1.42
CA GLY H 64 -7.30 -21.85 -2.08
C GLY H 64 -7.48 -20.49 -1.45
N ILE H 65 -8.72 -20.15 -1.08
CA ILE H 65 -8.98 -18.87 -0.45
C ILE H 65 -8.30 -18.78 0.91
N MET H 66 -8.45 -19.82 1.72
CA MET H 66 -7.76 -19.84 3.00
C MET H 66 -6.29 -20.20 2.88
N ASN H 67 -5.80 -20.45 1.68
CA ASN H 67 -4.36 -20.52 1.51
C ASN H 67 -3.78 -19.18 1.10
N SER H 68 -4.53 -18.36 0.40
CA SER H 68 -4.00 -17.05 0.10
C SER H 68 -4.22 -16.06 1.22
N PHE H 69 -5.29 -16.25 2.00
CA PHE H 69 -5.58 -15.33 3.09
C PHE H 69 -4.52 -15.39 4.17
N VAL H 70 -4.06 -16.59 4.48
CA VAL H 70 -3.08 -16.74 5.54
C VAL H 70 -1.75 -16.13 5.15
N ASN H 71 -1.30 -16.35 3.92
CA ASN H 71 -0.07 -15.73 3.48
C ASN H 71 -0.20 -14.23 3.35
N ASP H 72 -1.39 -13.73 3.00
CA ASP H 72 -1.56 -12.29 2.90
C ASP H 72 -1.52 -11.62 4.27
N ILE H 73 -2.22 -12.18 5.25
CA ILE H 73 -2.24 -11.58 6.58
C ILE H 73 -0.87 -11.69 7.22
N PHE H 74 -0.21 -12.83 7.03
CA PHE H 74 1.13 -13.00 7.59
C PHE H 74 2.12 -12.05 6.94
N GLU H 75 1.98 -11.78 5.64
CA GLU H 75 2.90 -10.87 5.02
C GLU H 75 2.63 -9.43 5.45
N ARG H 76 1.37 -9.08 5.69
CA ARG H 76 1.10 -7.72 6.16
C ARG H 76 1.64 -7.50 7.57
N ILE H 77 1.43 -8.47 8.46
CA ILE H 77 1.87 -8.30 9.84
C ILE H 77 3.38 -8.33 9.94
N ALA H 78 4.03 -9.17 9.14
CA ALA H 78 5.48 -9.16 9.17
C ALA H 78 6.09 -7.95 8.47
N GLY H 79 5.40 -7.37 7.48
CA GLY H 79 5.88 -6.12 6.92
C GLY H 79 5.79 -4.97 7.90
N GLU H 80 4.72 -4.93 8.69
CA GLU H 80 4.63 -3.92 9.74
C GLU H 80 5.65 -4.17 10.84
N ALA H 81 5.96 -5.44 11.11
CA ALA H 81 7.02 -5.74 12.07
C ALA H 81 8.36 -5.25 11.57
N SER H 82 8.63 -5.37 10.27
CA SER H 82 9.92 -4.90 9.77
C SER H 82 9.99 -3.39 9.78
N ARG H 83 8.87 -2.71 9.48
CA ARG H 83 8.87 -1.26 9.53
C ARG H 83 9.10 -0.76 10.95
N LEU H 84 8.50 -1.43 11.93
CA LEU H 84 8.73 -1.06 13.32
C LEU H 84 10.13 -1.42 13.79
N ALA H 85 10.74 -2.42 13.19
CA ALA H 85 12.15 -2.65 13.48
C ALA H 85 13.01 -1.55 12.89
N HIS H 86 12.62 -1.04 11.73
CA HIS H 86 13.45 -0.07 11.04
C HIS H 86 13.27 1.35 11.56
N TYR H 87 12.19 1.64 12.28
CA TYR H 87 12.08 2.98 12.85
C TYR H 87 12.94 3.10 14.10
N ASN H 88 12.80 2.17 15.04
CA ASN H 88 13.39 2.31 16.35
C ASN H 88 14.82 1.82 16.41
N LYS H 89 15.44 1.55 15.27
CA LYS H 89 16.84 1.19 15.07
C LYS H 89 17.23 -0.17 15.62
N ARG H 90 16.32 -0.91 16.26
CA ARG H 90 16.67 -2.23 16.75
C ARG H 90 16.72 -3.21 15.60
N SER H 91 17.60 -4.21 15.71
CA SER H 91 17.92 -5.10 14.61
C SER H 91 17.20 -6.43 14.69
N THR H 92 16.02 -6.48 15.29
CA THR H 92 15.34 -7.74 15.45
C THR H 92 13.83 -7.52 15.41
N ILE H 93 13.10 -8.62 15.34
CA ILE H 93 11.65 -8.62 15.46
C ILE H 93 11.35 -9.51 16.66
N THR H 94 11.12 -8.90 17.81
CA THR H 94 10.80 -9.66 18.99
C THR H 94 9.30 -9.86 19.08
N SER H 95 8.89 -10.61 20.11
CA SER H 95 7.46 -10.81 20.34
C SER H 95 6.76 -9.56 20.82
N ARG H 96 7.51 -8.60 21.36
CA ARG H 96 6.94 -7.30 21.61
C ARG H 96 6.61 -6.57 20.32
N GLU H 97 7.45 -6.69 19.30
CA GLU H 97 7.23 -5.90 18.10
C GLU H 97 6.12 -6.47 17.23
N ILE H 98 5.70 -7.71 17.47
CA ILE H 98 4.51 -8.18 16.78
C ILE H 98 3.29 -7.50 17.36
N GLN H 99 3.32 -7.20 18.66
CA GLN H 99 2.14 -6.73 19.37
C GLN H 99 1.67 -5.38 18.85
N THR H 100 2.61 -4.50 18.52
CA THR H 100 2.23 -3.22 17.93
C THR H 100 1.64 -3.41 16.55
N ALA H 101 2.13 -4.37 15.78
CA ALA H 101 1.56 -4.60 14.45
C ALA H 101 0.16 -5.18 14.54
N VAL H 102 -0.06 -6.10 15.48
CA VAL H 102 -1.37 -6.72 15.59
C VAL H 102 -2.39 -5.74 16.17
N ARG H 103 -2.00 -4.87 17.08
CA ARG H 103 -2.93 -3.82 17.48
C ARG H 103 -3.02 -2.71 16.44
N LEU H 104 -2.12 -2.68 15.47
CA LEU H 104 -2.17 -1.68 14.41
C LEU H 104 -3.15 -2.08 13.32
N LEU H 105 -2.98 -3.27 12.75
CA LEU H 105 -3.71 -3.63 11.54
C LEU H 105 -5.17 -3.86 11.81
N LEU H 106 -5.47 -4.76 12.71
CA LEU H 106 -6.82 -5.29 12.83
C LEU H 106 -7.72 -4.25 13.47
N PRO H 107 -8.88 -4.01 12.93
CA PRO H 107 -9.68 -2.88 13.40
C PRO H 107 -10.36 -3.07 14.74
N GLY H 108 -9.79 -2.48 15.78
CA GLY H 108 -10.44 -2.32 17.07
C GLY H 108 -10.82 -3.57 17.82
N GLU H 109 -12.13 -3.83 17.88
CA GLU H 109 -12.69 -4.86 18.76
C GLU H 109 -12.29 -6.27 18.34
N LEU H 110 -11.76 -6.46 17.15
CA LEU H 110 -11.19 -7.74 16.79
C LEU H 110 -9.80 -7.90 17.39
N ALA H 111 -8.99 -6.84 17.26
CA ALA H 111 -7.55 -6.93 17.52
C ALA H 111 -7.26 -7.27 18.96
N LYS H 112 -8.06 -6.71 19.86
CA LYS H 112 -7.95 -6.95 21.30
C LYS H 112 -8.03 -8.44 21.61
N HIS H 113 -8.93 -9.15 20.92
CA HIS H 113 -9.06 -10.60 21.12
C HIS H 113 -7.80 -11.32 20.71
N ALA H 114 -7.17 -10.85 19.62
CA ALA H 114 -5.92 -11.46 19.18
C ALA H 114 -4.84 -11.29 20.22
N VAL H 115 -4.85 -10.16 20.93
CA VAL H 115 -3.92 -9.99 22.04
C VAL H 115 -4.23 -11.01 23.14
N SER H 116 -5.51 -11.15 23.48
CA SER H 116 -5.86 -12.15 24.48
C SER H 116 -5.86 -13.56 23.91
N GLU H 117 -5.52 -13.74 22.64
CA GLU H 117 -5.05 -15.05 22.23
C GLU H 117 -3.56 -15.16 22.46
N GLY H 118 -2.81 -14.19 21.94
CA GLY H 118 -1.38 -14.36 21.82
C GLY H 118 -0.68 -14.34 23.15
N THR H 119 -1.07 -13.41 24.02
CA THR H 119 -0.68 -13.45 25.43
C THR H 119 -1.00 -14.81 26.03
N LYS H 120 -2.23 -15.26 25.86
CA LYS H 120 -2.64 -16.58 26.32
C LYS H 120 -1.92 -17.68 25.56
N ALA H 121 -1.39 -17.38 24.38
CA ALA H 121 -0.44 -18.28 23.74
C ALA H 121 0.90 -18.23 24.45
N VAL H 122 1.49 -17.04 24.54
CA VAL H 122 2.94 -16.97 24.73
C VAL H 122 3.34 -17.34 26.14
N THR H 123 2.47 -17.05 27.12
CA THR H 123 2.68 -17.51 28.49
C THR H 123 2.72 -19.02 28.54
N LYS H 124 1.83 -19.67 27.80
CA LYS H 124 1.82 -21.12 27.71
C LYS H 124 3.07 -21.66 27.04
N TYR H 125 3.77 -20.86 26.25
CA TYR H 125 5.08 -21.30 25.81
C TYR H 125 6.08 -21.17 26.94
N THR H 126 6.10 -20.02 27.60
CA THR H 126 7.21 -19.73 28.48
C THR H 126 7.11 -20.43 29.81
N SER H 127 5.91 -20.83 30.22
CA SER H 127 5.79 -21.65 31.41
C SER H 127 6.18 -23.10 31.13
N SER H 128 6.20 -23.50 29.87
CA SER H 128 6.57 -24.86 29.48
C SER H 128 7.97 -24.94 28.90
N ASN K 11 -14.13 -28.88 20.51
CA ASN K 11 -15.27 -28.03 20.19
C ASN K 11 -15.00 -26.60 20.65
N VAL K 12 -13.91 -26.42 21.39
CA VAL K 12 -13.65 -25.13 22.02
C VAL K 12 -13.15 -24.13 20.98
N ARG K 13 -14.11 -23.44 20.38
CA ARG K 13 -13.92 -22.35 19.45
C ARG K 13 -15.18 -21.51 19.65
N ARG K 14 -15.66 -20.79 18.65
CA ARG K 14 -16.66 -19.73 18.75
C ARG K 14 -16.13 -18.66 19.69
N THR K 15 -15.03 -18.04 19.23
CA THR K 15 -14.25 -17.09 20.00
C THR K 15 -15.05 -15.86 20.41
N LYS K 16 -14.66 -15.27 21.53
CA LYS K 16 -15.48 -14.28 22.20
C LYS K 16 -15.32 -12.92 21.53
N ARG K 17 -16.17 -12.63 20.56
CA ARG K 17 -16.17 -11.33 19.90
C ARG K 17 -17.60 -10.79 19.93
N ILE K 18 -17.80 -9.66 19.27
CA ILE K 18 -19.13 -9.12 19.07
C ILE K 18 -19.45 -9.19 17.59
N ARG K 19 -20.07 -10.28 17.16
CA ARG K 19 -20.51 -10.40 15.78
C ARG K 19 -21.64 -9.40 15.53
N LEU K 20 -21.36 -8.39 14.72
CA LEU K 20 -22.28 -7.27 14.61
C LEU K 20 -22.70 -7.01 13.16
N LYS K 21 -23.27 -5.85 12.94
CA LYS K 21 -23.95 -5.39 11.74
C LYS K 21 -22.97 -5.07 10.62
N PRO K 22 -23.46 -4.64 9.43
CA PRO K 22 -22.58 -3.89 8.52
C PRO K 22 -21.92 -2.69 9.16
N LEU K 23 -22.66 -1.93 9.97
CA LEU K 23 -22.18 -0.74 10.69
C LEU K 23 -21.65 0.29 9.68
N GLU K 24 -22.59 0.88 8.96
CA GLU K 24 -22.24 1.73 7.84
C GLU K 24 -21.49 2.97 8.30
N TYR K 25 -20.48 3.34 7.54
CA TYR K 25 -19.67 4.52 7.79
C TYR K 25 -20.36 5.70 7.09
N TRP K 26 -19.60 6.74 6.78
CA TRP K 26 -19.94 7.88 5.93
C TRP K 26 -20.97 8.82 6.56
N ARG K 27 -21.51 8.49 7.73
CA ARG K 27 -22.38 9.40 8.46
C ARG K 27 -22.02 9.46 9.94
N GLY K 28 -21.00 8.73 10.36
CA GLY K 28 -20.68 8.60 11.76
C GLY K 28 -20.60 7.14 12.13
N GLU K 29 -21.24 6.79 13.27
CA GLU K 29 -21.32 5.43 13.81
C GLU K 29 -19.92 4.84 13.99
N ASN L 11 23.43 24.49 -16.51
CA ASN L 11 22.44 23.97 -17.44
C ASN L 11 22.98 22.74 -18.13
N VAL L 12 22.86 21.58 -17.48
CA VAL L 12 23.46 20.35 -17.97
C VAL L 12 22.36 19.30 -18.19
N ARG L 13 21.14 19.56 -17.72
CA ARG L 13 20.22 18.43 -17.78
C ARG L 13 19.15 18.58 -18.86
N ARG L 14 18.21 19.51 -18.69
CA ARG L 14 17.19 19.88 -19.70
C ARG L 14 16.53 18.69 -20.40
N THR L 15 15.81 17.88 -19.64
CA THR L 15 15.37 16.57 -20.13
C THR L 15 14.30 16.67 -21.20
N LYS L 16 14.33 15.73 -22.14
CA LYS L 16 13.37 15.67 -23.23
C LYS L 16 12.07 15.00 -22.83
N ARG L 17 11.04 15.80 -22.55
CA ARG L 17 9.73 15.27 -22.20
C ARG L 17 8.70 16.34 -22.53
N ILE L 18 7.44 16.01 -22.25
CA ILE L 18 6.33 16.92 -22.48
C ILE L 18 5.65 17.20 -21.14
N ARG L 19 5.92 18.39 -20.58
CA ARG L 19 5.43 18.79 -19.26
C ARG L 19 4.05 19.38 -19.46
N LEU L 20 3.04 18.53 -19.64
CA LEU L 20 1.87 18.92 -20.42
C LEU L 20 0.72 19.53 -19.61
N LYS L 21 0.18 18.79 -18.65
CA LYS L 21 -1.17 19.04 -18.16
C LYS L 21 -1.37 18.11 -16.98
N PRO L 22 -2.47 18.20 -16.23
CA PRO L 22 -2.88 17.04 -15.45
C PRO L 22 -3.38 15.91 -16.30
N LEU L 23 -3.85 16.18 -17.53
CA LEU L 23 -4.23 15.16 -18.53
C LEU L 23 -5.32 14.25 -17.99
N GLU L 24 -6.52 14.81 -17.88
CA GLU L 24 -7.61 14.18 -17.17
C GLU L 24 -7.98 12.83 -17.76
N TYR L 25 -8.15 11.87 -16.88
CA TYR L 25 -8.70 10.56 -17.19
C TYR L 25 -10.21 10.67 -17.13
N TRP L 26 -10.90 9.56 -16.94
CA TRP L 26 -12.31 9.46 -16.59
C TRP L 26 -13.28 9.89 -17.67
N ARG L 27 -12.81 10.50 -18.76
CA ARG L 27 -13.66 10.58 -19.94
C ARG L 27 -12.90 10.15 -21.18
N GLY L 28 -11.63 10.50 -21.26
CA GLY L 28 -10.86 10.19 -22.45
C GLY L 28 -9.40 10.55 -22.25
N GLU L 29 -8.59 10.08 -23.20
CA GLU L 29 -7.12 10.15 -23.16
C GLU L 29 -6.55 9.57 -21.86
N MET M 412 5.75 -3.04 -37.02
CA MET M 412 6.28 -2.46 -38.24
C MET M 412 7.72 -1.99 -38.05
N ASP M 413 7.99 -1.41 -36.88
CA ASP M 413 9.34 -0.95 -36.54
C ASP M 413 9.88 -1.58 -35.27
N GLU M 414 9.11 -1.62 -34.18
CA GLU M 414 9.56 -2.35 -33.01
C GLU M 414 9.48 -3.85 -33.26
N VAL M 415 8.57 -4.27 -34.13
CA VAL M 415 8.32 -5.69 -34.32
C VAL M 415 9.49 -6.35 -35.02
N ILE M 416 10.12 -5.67 -35.97
CA ILE M 416 11.16 -6.32 -36.75
C ILE M 416 12.45 -6.43 -35.95
N VAL M 417 12.81 -5.39 -35.21
CA VAL M 417 13.96 -5.50 -34.30
C VAL M 417 13.63 -6.47 -33.18
N GLU M 418 12.35 -6.57 -32.81
CA GLU M 418 11.93 -7.54 -31.81
C GLU M 418 12.13 -8.96 -32.30
N TYR M 419 11.79 -9.22 -33.56
CA TYR M 419 11.95 -10.55 -34.12
C TYR M 419 13.41 -10.92 -34.27
N ILE M 420 14.23 -9.94 -34.68
CA ILE M 420 15.68 -10.13 -34.75
C ILE M 420 16.23 -10.48 -33.37
N ARG M 421 15.76 -9.76 -32.35
CA ARG M 421 16.26 -9.95 -31.00
C ARG M 421 15.85 -11.30 -30.44
N ARG M 422 14.63 -11.72 -30.71
CA ARG M 422 14.16 -13.02 -30.24
C ARG M 422 14.91 -14.15 -30.92
N THR M 423 15.16 -14.01 -32.23
CA THR M 423 15.79 -15.10 -32.95
C THR M 423 17.27 -15.21 -32.62
N VAL M 424 17.95 -14.09 -32.41
CA VAL M 424 19.35 -14.17 -32.01
C VAL M 424 19.45 -14.60 -30.56
N LEU M 425 18.40 -14.40 -29.78
CA LEU M 425 18.42 -14.76 -28.37
C LEU M 425 18.48 -16.27 -28.16
N LYS M 426 18.00 -17.05 -29.12
CA LYS M 426 18.00 -18.51 -29.02
C LYS M 426 19.24 -19.13 -29.65
N ILE M 427 20.37 -18.42 -29.63
CA ILE M 427 21.60 -18.89 -30.27
C ILE M 427 22.63 -19.06 -29.17
N PRO M 428 23.42 -20.14 -29.18
CA PRO M 428 24.48 -20.31 -28.18
C PRO M 428 25.51 -19.20 -28.28
N ARG M 429 26.18 -18.95 -27.15
CA ARG M 429 26.92 -17.70 -26.98
C ARG M 429 28.17 -17.64 -27.85
N ASP M 430 28.76 -18.78 -28.17
CA ASP M 430 30.02 -18.79 -28.88
C ASP M 430 29.87 -18.83 -30.39
N GLU M 431 28.65 -18.76 -30.92
CA GLU M 431 28.44 -18.84 -32.36
C GLU M 431 27.79 -17.61 -32.95
N ILE M 432 27.49 -16.60 -32.12
CA ILE M 432 26.71 -15.44 -32.56
C ILE M 432 27.48 -14.65 -33.60
N MET M 433 28.76 -14.38 -33.32
CA MET M 433 29.63 -13.73 -34.29
C MET M 433 29.84 -14.57 -35.53
N ALA M 434 29.58 -15.87 -35.45
CA ALA M 434 29.49 -16.68 -36.65
C ALA M 434 28.30 -16.26 -37.49
N VAL M 435 27.09 -16.29 -36.91
CA VAL M 435 25.89 -16.21 -37.74
C VAL M 435 25.68 -14.78 -38.23
N LEU M 436 26.09 -13.78 -37.45
CA LEU M 436 26.11 -12.42 -37.94
C LEU M 436 27.11 -12.27 -39.08
N GLN M 437 28.21 -12.99 -39.01
CA GLN M 437 29.12 -13.07 -40.15
C GLN M 437 28.46 -13.74 -41.35
N LYS M 438 27.53 -14.66 -41.11
CA LYS M 438 26.73 -15.14 -42.22
C LYS M 438 25.60 -14.19 -42.54
N TRP M 439 25.17 -13.40 -41.54
CA TRP M 439 24.10 -12.45 -41.80
C TRP M 439 24.64 -11.25 -42.55
N GLY M 440 25.63 -10.58 -41.95
CA GLY M 440 26.32 -9.50 -42.61
C GLY M 440 25.49 -8.26 -42.86
N PHE M 441 24.35 -8.12 -42.19
CA PHE M 441 23.54 -6.92 -42.37
C PHE M 441 24.26 -5.71 -41.80
N LEU M 442 24.57 -5.74 -40.52
CA LEU M 442 25.47 -4.76 -39.95
C LEU M 442 26.91 -5.18 -40.24
N SER M 443 27.77 -4.19 -40.44
CA SER M 443 29.15 -4.47 -40.81
C SER M 443 29.94 -4.96 -39.60
N GLU M 444 31.18 -5.35 -39.85
CA GLU M 444 32.04 -5.73 -38.75
C GLU M 444 32.40 -4.53 -37.86
N ALA M 445 32.37 -3.32 -38.42
CA ALA M 445 32.63 -2.12 -37.62
C ALA M 445 31.53 -1.90 -36.58
N GLN M 446 30.28 -2.16 -36.95
CA GLN M 446 29.21 -2.16 -35.95
C GLN M 446 29.36 -3.34 -35.01
N LEU M 447 29.82 -4.48 -35.52
CA LEU M 447 30.01 -5.69 -34.73
C LEU M 447 31.09 -5.53 -33.68
N GLN M 448 31.97 -4.58 -33.82
CA GLN M 448 33.05 -4.38 -32.86
C GLN M 448 32.60 -3.83 -31.52
N THR M 449 31.32 -3.75 -31.13
CA THR M 449 30.95 -3.32 -29.78
C THR M 449 30.28 -4.42 -28.98
N ILE M 450 30.29 -5.66 -29.45
CA ILE M 450 29.61 -6.77 -28.78
C ILE M 450 30.43 -7.18 -27.56
N ASN M 451 29.96 -6.81 -26.37
CA ASN M 451 30.65 -7.18 -25.14
C ASN M 451 30.23 -8.58 -24.76
N PHE M 452 30.94 -9.57 -25.33
CA PHE M 452 30.56 -10.98 -25.21
C PHE M 452 30.63 -11.51 -23.79
N ARG M 453 31.40 -10.87 -22.92
CA ARG M 453 31.63 -11.37 -21.59
C ARG M 453 30.55 -10.98 -20.59
N GLN M 454 29.39 -10.53 -21.05
CA GLN M 454 28.21 -10.41 -20.20
C GLN M 454 27.19 -11.46 -20.65
N THR M 455 26.01 -11.41 -20.05
CA THR M 455 25.00 -12.40 -20.38
C THR M 455 24.36 -12.11 -21.73
N LYS M 456 23.56 -13.07 -22.20
CA LYS M 456 23.13 -13.08 -23.59
C LYS M 456 22.08 -12.02 -23.89
N GLU M 457 21.31 -11.61 -22.88
CA GLU M 457 20.30 -10.58 -23.15
C GLU M 457 20.95 -9.23 -23.39
N GLY M 458 22.13 -8.99 -22.81
CA GLY M 458 22.86 -7.77 -23.12
C GLY M 458 23.38 -7.78 -24.54
N ILE M 459 23.83 -8.95 -25.00
CA ILE M 459 24.15 -9.14 -26.42
C ILE M 459 22.94 -8.88 -27.27
N SER M 460 21.76 -9.32 -26.82
CA SER M 460 20.53 -9.14 -27.57
C SER M 460 20.18 -7.68 -27.70
N HIS M 461 20.25 -6.94 -26.59
CA HIS M 461 19.95 -5.51 -26.65
C HIS M 461 20.96 -4.75 -27.47
N SER M 462 22.22 -5.20 -27.44
CA SER M 462 23.26 -4.52 -28.19
C SER M 462 23.07 -4.70 -29.69
N VAL M 463 22.80 -5.93 -30.12
CA VAL M 463 22.56 -6.12 -31.56
C VAL M 463 21.20 -5.54 -31.94
N ALA M 464 20.30 -5.41 -30.99
CA ALA M 464 19.02 -4.77 -31.28
C ALA M 464 19.18 -3.30 -31.58
N GLN M 465 19.96 -2.58 -30.76
CA GLN M 465 20.16 -1.17 -31.04
C GLN M 465 21.06 -0.96 -32.25
N LEU M 466 21.92 -1.94 -32.54
CA LEU M 466 22.73 -1.91 -33.76
C LEU M 466 21.87 -1.99 -35.01
N CYS M 467 20.98 -2.96 -35.08
CA CYS M 467 20.10 -3.08 -36.23
C CYS M 467 19.02 -2.00 -36.25
N GLU M 468 18.72 -1.41 -35.10
CA GLU M 468 17.86 -0.25 -35.08
C GLU M 468 18.55 0.95 -35.68
N GLU M 469 19.89 1.02 -35.54
CA GLU M 469 20.63 2.14 -36.10
C GLU M 469 20.61 2.13 -37.62
N SER M 470 20.88 0.97 -38.22
CA SER M 470 20.98 0.89 -39.67
C SER M 470 19.63 0.73 -40.37
N SER M 471 18.53 0.89 -39.63
CA SER M 471 17.16 0.89 -40.15
C SER M 471 16.85 -0.43 -40.88
N ALA M 472 16.83 -1.50 -40.07
CA ALA M 472 16.62 -2.84 -40.58
C ALA M 472 15.20 -3.03 -41.11
N ASP M 473 15.02 -4.10 -41.87
CA ASP M 473 13.70 -4.46 -42.37
C ASP M 473 13.62 -5.97 -42.50
N LEU M 474 12.43 -6.44 -42.89
CA LEU M 474 12.04 -7.83 -42.74
C LEU M 474 12.84 -8.78 -43.61
N LYS M 475 13.46 -8.28 -44.69
CA LYS M 475 14.26 -9.15 -45.55
C LYS M 475 15.49 -9.67 -44.80
N GLN M 476 16.18 -8.79 -44.08
CA GLN M 476 17.35 -9.24 -43.34
C GLN M 476 16.97 -10.05 -42.11
N ALA M 477 15.81 -9.77 -41.52
CA ALA M 477 15.35 -10.58 -40.39
C ALA M 477 15.00 -11.99 -40.83
N ALA M 478 14.29 -12.12 -41.94
CA ALA M 478 13.98 -13.43 -42.48
C ALA M 478 15.23 -14.15 -42.94
N LEU M 479 16.22 -13.40 -43.44
CA LEU M 479 17.50 -14.00 -43.76
C LEU M 479 18.20 -14.52 -42.52
N LEU M 480 18.12 -13.79 -41.41
CA LEU M 480 18.65 -14.27 -40.14
C LEU M 480 17.97 -15.55 -39.70
N ASP M 481 16.64 -15.60 -39.88
CA ASP M 481 15.88 -16.80 -39.56
C ASP M 481 16.30 -17.98 -40.41
N ILE M 482 16.49 -17.77 -41.71
CA ILE M 482 16.75 -18.91 -42.56
C ILE M 482 18.20 -19.36 -42.44
N ILE M 483 19.13 -18.47 -42.10
CA ILE M 483 20.48 -18.92 -41.77
C ILE M 483 20.48 -19.66 -40.44
N TYR M 484 19.61 -19.25 -39.50
CA TYR M 484 19.43 -20.01 -38.27
C TYR M 484 18.90 -21.41 -38.56
N ASN M 485 18.08 -21.54 -39.59
CA ASN M 485 17.69 -22.87 -40.03
C ASN M 485 18.82 -23.59 -40.74
N HIS M 486 19.64 -22.86 -41.50
CA HIS M 486 20.72 -23.47 -42.26
C HIS M 486 21.83 -23.97 -41.36
N ILE M 487 21.93 -23.41 -40.15
CA ILE M 487 22.91 -23.83 -39.18
C ILE M 487 22.29 -24.62 -38.04
N TYR M 488 21.00 -24.50 -37.82
CA TYR M 488 20.30 -25.31 -36.82
C TYR M 488 18.99 -25.81 -37.40
N PRO M 489 19.05 -26.88 -38.21
CA PRO M 489 17.81 -27.48 -38.71
C PRO M 489 17.25 -28.58 -37.84
N ASN M 490 17.90 -28.92 -36.74
CA ASN M 490 17.49 -30.05 -35.93
C ASN M 490 16.47 -29.68 -34.88
N LYS M 491 16.04 -28.42 -34.84
CA LYS M 491 15.03 -28.03 -33.86
C LYS M 491 13.64 -28.50 -34.27
N ARG M 492 13.16 -28.03 -35.41
CA ARG M 492 11.79 -28.28 -35.79
C ARG M 492 11.64 -29.67 -36.41
N VAL M 493 10.39 -30.10 -36.54
CA VAL M 493 10.07 -31.45 -37.00
C VAL M 493 9.82 -31.42 -38.50
N TRP M 494 10.44 -32.36 -39.21
CA TRP M 494 10.40 -32.40 -40.67
C TRP M 494 9.65 -33.61 -41.16
N SER M 495 8.71 -33.39 -42.08
CA SER M 495 7.97 -34.46 -42.73
C SER M 495 8.18 -34.36 -44.23
N VAL M 496 8.30 -35.50 -44.89
CA VAL M 496 8.65 -35.57 -46.30
C VAL M 496 7.39 -35.88 -47.11
N TYR M 497 7.24 -35.16 -48.20
CA TYR M 497 6.17 -35.41 -49.15
C TYR M 497 6.78 -35.82 -50.48
N HIS M 498 5.98 -36.49 -51.29
CA HIS M 498 6.42 -36.96 -52.59
C HIS M 498 5.43 -36.54 -53.67
N MET M 499 5.95 -35.99 -54.76
CA MET M 499 5.12 -35.48 -55.83
C MET M 499 4.93 -36.55 -56.91
N ASN M 500 4.15 -36.20 -57.90
CA ASN M 500 3.78 -37.12 -58.97
C ASN M 500 3.40 -36.32 -60.20
N LYS M 501 3.93 -36.72 -61.35
CA LYS M 501 3.62 -36.10 -62.64
C LYS M 501 2.21 -36.44 -63.08
N PHE M 511 13.07 -22.99 -63.45
CA PHE M 511 13.50 -22.94 -62.07
C PHE M 511 13.92 -21.52 -61.69
N ARG M 512 14.32 -20.76 -62.71
CA ARG M 512 14.67 -19.36 -62.47
C ARG M 512 13.43 -18.52 -62.21
N ASP M 513 12.28 -18.95 -62.71
CA ASP M 513 11.02 -18.28 -62.46
C ASP M 513 10.20 -19.04 -61.43
N PHE M 514 10.77 -20.07 -60.81
CA PHE M 514 10.09 -20.76 -59.73
C PHE M 514 9.90 -19.84 -58.54
N LYS M 515 10.88 -18.96 -58.30
CA LYS M 515 10.80 -17.97 -57.23
C LYS M 515 9.64 -17.02 -57.44
N LYS M 516 9.43 -16.60 -58.69
CA LYS M 516 8.38 -15.64 -59.00
C LYS M 516 7.03 -16.32 -59.15
N LYS M 517 7.01 -17.61 -59.48
CA LYS M 517 5.75 -18.31 -59.66
C LYS M 517 5.22 -18.91 -58.37
N PHE M 518 6.07 -19.10 -57.35
CA PHE M 518 5.54 -19.62 -56.11
C PHE M 518 4.85 -18.56 -55.29
N ARG M 519 5.21 -17.30 -55.49
CA ARG M 519 4.56 -16.19 -54.81
C ARG M 519 3.35 -15.69 -55.57
N ARG M 520 2.73 -16.53 -56.38
CA ARG M 520 1.48 -16.23 -57.06
C ARG M 520 0.30 -16.93 -56.42
N GLN M 521 0.42 -18.24 -56.23
CA GLN M 521 -0.67 -19.03 -55.68
C GLN M 521 -0.78 -18.91 -54.17
N ILE M 522 0.26 -18.40 -53.51
CA ILE M 522 0.18 -18.15 -52.08
C ILE M 522 -0.71 -16.96 -51.80
N GLN M 523 -0.52 -15.87 -52.53
CA GLN M 523 -1.35 -14.69 -52.39
C GLN M 523 -2.64 -14.76 -53.16
N SER M 524 -3.09 -15.97 -53.50
CA SER M 524 -4.35 -16.16 -54.19
C SER M 524 -5.53 -15.79 -53.29
N ALA M 525 -5.71 -16.53 -52.19
CA ALA M 525 -6.74 -16.22 -51.22
C ALA M 525 -6.19 -15.81 -49.86
N LEU M 526 -5.00 -16.27 -49.49
CA LEU M 526 -4.30 -15.81 -48.30
C LEU M 526 -3.41 -14.65 -48.75
N ILE M 527 -3.90 -13.43 -48.57
CA ILE M 527 -3.28 -12.30 -49.24
C ILE M 527 -2.06 -11.81 -48.45
N ASN M 528 -2.29 -11.29 -47.25
CA ASN M 528 -1.23 -10.64 -46.48
C ASN M 528 -0.36 -11.71 -45.82
N VAL M 529 0.49 -12.32 -46.62
CA VAL M 529 1.41 -13.37 -46.18
C VAL M 529 2.79 -13.03 -46.72
N THR M 530 3.83 -13.39 -45.97
CA THR M 530 5.20 -13.16 -46.42
C THR M 530 5.91 -14.47 -46.72
N ILE M 531 6.66 -14.47 -47.83
CA ILE M 531 7.38 -15.60 -48.36
C ILE M 531 8.80 -15.12 -48.66
N ASN M 532 9.78 -16.02 -48.47
CA ASN M 532 11.15 -15.76 -48.90
C ASN M 532 11.82 -17.06 -49.29
N PHE M 533 12.90 -16.93 -50.05
CA PHE M 533 13.67 -18.06 -50.53
C PHE M 533 15.15 -17.83 -50.29
N ARG M 534 15.88 -18.93 -50.15
CA ARG M 534 17.32 -18.91 -50.34
C ARG M 534 17.71 -20.20 -51.02
N GLU M 535 18.82 -20.17 -51.72
CA GLU M 535 19.18 -21.23 -52.65
C GLU M 535 20.44 -21.95 -52.18
N TYR M 536 20.33 -23.27 -52.05
CA TYR M 536 21.51 -24.10 -52.02
C TYR M 536 21.84 -24.57 -53.42
N GLU M 537 23.09 -24.91 -53.64
CA GLU M 537 23.62 -25.19 -54.97
C GLU M 537 23.22 -26.56 -55.50
N ASP M 538 22.63 -27.42 -54.67
CA ASP M 538 22.19 -28.74 -55.11
C ASP M 538 20.75 -28.73 -55.60
N ASN M 539 20.30 -27.60 -56.14
CA ASN M 539 18.90 -27.25 -56.46
C ASN M 539 17.99 -27.31 -55.24
N ALA M 540 18.55 -27.23 -54.04
CA ALA M 540 17.78 -27.23 -52.81
C ALA M 540 17.37 -25.80 -52.48
N ILE M 541 16.09 -25.51 -52.60
CA ILE M 541 15.55 -24.24 -52.16
C ILE M 541 15.13 -24.40 -50.71
N TRP M 542 15.57 -23.47 -49.87
CA TRP M 542 15.04 -23.29 -48.53
C TRP M 542 14.00 -22.19 -48.61
N ILE M 543 12.77 -22.51 -48.27
CA ILE M 543 11.66 -21.58 -48.41
C ILE M 543 11.14 -21.25 -47.02
N ARG M 544 11.07 -19.97 -46.72
CA ARG M 544 10.46 -19.46 -45.52
C ARG M 544 9.07 -18.93 -45.84
N ILE M 545 8.09 -19.31 -45.03
CA ILE M 545 6.71 -18.86 -45.21
C ILE M 545 6.10 -18.58 -43.85
N ALA M 546 5.73 -17.32 -43.61
CA ALA M 546 5.15 -16.94 -42.32
C ALA M 546 3.68 -16.63 -42.52
N TRP M 547 2.81 -17.50 -42.02
CA TRP M 547 1.41 -17.48 -42.38
C TRP M 547 0.68 -16.29 -41.77
N GLY M 548 -0.43 -15.95 -42.42
CA GLY M 548 -1.24 -14.83 -41.99
C GLY M 548 -2.54 -14.74 -42.75
N THR M 549 -3.61 -14.43 -42.03
CA THR M 549 -4.91 -14.23 -42.64
C THR M 549 -4.90 -12.93 -43.43
N PRO M 550 -5.85 -12.74 -44.36
CA PRO M 550 -6.01 -11.43 -45.01
C PRO M 550 -6.69 -10.38 -44.14
N TYR M 551 -6.83 -10.63 -42.84
CA TYR M 551 -7.37 -9.66 -41.91
C TYR M 551 -6.32 -8.95 -41.08
N THR M 552 -5.23 -9.64 -40.72
CA THR M 552 -4.18 -9.08 -39.87
C THR M 552 -2.83 -9.27 -40.53
N LYS M 553 -1.80 -8.75 -39.86
CA LYS M 553 -0.41 -8.97 -40.25
C LYS M 553 -0.05 -10.44 -40.04
N PRO M 554 0.77 -11.01 -40.91
CA PRO M 554 1.27 -12.37 -40.65
C PRO M 554 2.22 -12.37 -39.48
N ASN M 555 2.18 -13.44 -38.71
CA ASN M 555 2.98 -13.56 -37.50
C ASN M 555 4.28 -14.28 -37.80
N GLN M 556 5.39 -13.62 -37.52
CA GLN M 556 6.70 -14.13 -37.92
C GLN M 556 7.24 -15.20 -36.99
N TYR M 557 6.50 -15.59 -35.96
CA TYR M 557 6.96 -16.61 -35.04
C TYR M 557 6.41 -17.99 -35.35
N LYS M 558 5.32 -18.08 -36.10
CA LYS M 558 4.73 -19.36 -36.48
C LYS M 558 5.19 -19.77 -37.87
N THR M 559 6.45 -19.50 -38.17
CA THR M 559 6.96 -19.58 -39.53
C THR M 559 7.24 -21.03 -39.91
N SER M 560 6.73 -21.43 -41.06
CA SER M 560 6.96 -22.74 -41.64
C SER M 560 8.01 -22.66 -42.74
N TYR M 561 8.59 -23.80 -43.07
CA TYR M 561 9.70 -23.86 -44.02
C TYR M 561 9.58 -25.11 -44.87
N VAL M 562 10.07 -24.99 -46.10
CA VAL M 562 10.06 -26.07 -47.07
C VAL M 562 11.41 -26.12 -47.76
N VAL M 563 12.10 -27.25 -47.66
CA VAL M 563 13.31 -27.45 -48.45
C VAL M 563 13.01 -28.45 -49.55
N TYR M 564 13.54 -28.16 -50.74
CA TYR M 564 13.16 -28.90 -51.92
C TYR M 564 14.32 -28.93 -52.90
N HIS M 565 14.86 -30.11 -53.16
CA HIS M 565 15.80 -30.28 -54.26
C HIS M 565 14.98 -30.43 -55.54
N SER M 566 15.17 -29.51 -56.48
CA SER M 566 14.31 -29.50 -57.67
C SER M 566 14.61 -30.68 -58.58
N GLN M 567 15.79 -31.30 -58.45
CA GLN M 567 16.08 -32.50 -59.19
C GLN M 567 15.24 -33.68 -58.67
N THR M 568 15.08 -33.78 -57.32
CA THR M 568 14.37 -34.98 -56.89
C THR M 568 12.87 -34.75 -56.87
N PRO M 569 12.08 -35.82 -57.01
CA PRO M 569 10.63 -35.72 -56.79
C PRO M 569 10.21 -35.82 -55.33
N TYR M 570 11.11 -35.56 -54.40
CA TYR M 570 10.79 -35.59 -52.97
C TYR M 570 11.06 -34.23 -52.35
N VAL M 571 10.38 -33.93 -51.25
CA VAL M 571 10.44 -32.60 -50.66
C VAL M 571 10.30 -32.73 -49.15
N PHE M 572 11.05 -31.93 -48.39
CA PHE M 572 10.96 -31.96 -46.95
C PHE M 572 10.33 -30.67 -46.46
N ILE M 573 9.45 -30.77 -45.47
CA ILE M 573 8.61 -29.66 -45.04
C ILE M 573 8.56 -29.67 -43.53
N SER M 574 8.88 -28.54 -42.91
CA SER M 574 8.57 -28.33 -41.50
C SER M 574 7.46 -27.28 -41.46
N ALA M 575 6.23 -27.73 -41.39
CA ALA M 575 5.11 -26.83 -41.23
C ALA M 575 4.82 -26.63 -39.75
N SER M 576 4.54 -25.39 -39.37
CA SER M 576 4.36 -25.07 -37.96
C SER M 576 2.95 -25.37 -37.52
N VAL M 577 2.58 -24.86 -36.34
CA VAL M 577 1.32 -25.18 -35.72
C VAL M 577 0.12 -24.53 -36.40
N LEU M 578 0.35 -23.62 -37.33
CA LEU M 578 -0.76 -23.10 -38.12
C LEU M 578 -1.22 -24.16 -39.10
N ARG M 579 -2.19 -24.97 -38.68
CA ARG M 579 -2.74 -25.98 -39.55
C ARG M 579 -3.70 -25.34 -40.53
N SER M 580 -4.33 -26.19 -41.36
CA SER M 580 -5.17 -25.79 -42.51
C SER M 580 -4.40 -24.87 -43.46
N ASN M 581 -3.09 -25.03 -43.52
CA ASN M 581 -2.25 -24.38 -44.50
C ASN M 581 -1.30 -25.34 -45.17
N LEU M 582 -0.99 -26.47 -44.53
CA LEU M 582 -0.33 -27.58 -45.20
C LEU M 582 -1.01 -28.03 -46.49
N PRO M 583 -2.34 -28.16 -46.61
CA PRO M 583 -2.89 -28.49 -47.94
C PRO M 583 -2.71 -27.38 -48.94
N LEU M 584 -2.85 -26.12 -48.52
CA LEU M 584 -2.64 -25.01 -49.43
C LEU M 584 -1.18 -24.91 -49.84
N LEU M 585 -0.27 -25.15 -48.90
CA LEU M 585 1.14 -25.03 -49.24
C LEU M 585 1.59 -26.17 -50.15
N CYS M 586 1.11 -27.39 -49.89
CA CYS M 586 1.53 -28.49 -50.75
C CYS M 586 0.86 -28.40 -52.12
N GLN M 587 -0.38 -27.91 -52.19
CA GLN M 587 -1.00 -27.76 -53.51
C GLN M 587 -0.37 -26.59 -54.26
N ALA M 588 0.14 -25.57 -53.56
CA ALA M 588 0.85 -24.51 -54.24
C ALA M 588 2.19 -25.00 -54.73
N MET M 589 2.82 -25.90 -53.98
CA MET M 589 4.05 -26.52 -54.47
C MET M 589 3.79 -27.45 -55.64
N VAL M 590 2.62 -28.10 -55.67
CA VAL M 590 2.27 -28.96 -56.79
C VAL M 590 2.05 -28.13 -58.04
N VAL M 591 1.24 -27.07 -57.94
CA VAL M 591 0.88 -26.29 -59.11
C VAL M 591 2.07 -25.45 -59.58
N ALA M 592 2.91 -25.00 -58.65
CA ALA M 592 4.11 -24.26 -59.04
C ALA M 592 5.13 -25.18 -59.68
N SER M 593 5.30 -26.38 -59.16
CA SER M 593 6.17 -27.33 -59.84
C SER M 593 5.46 -27.91 -61.05
N ASN M 594 6.19 -28.70 -61.81
CA ASN M 594 5.61 -29.35 -62.99
C ASN M 594 5.14 -30.75 -62.65
N TYR M 595 4.33 -30.86 -61.60
CA TYR M 595 3.83 -32.14 -61.14
C TYR M 595 2.33 -32.05 -60.96
N HIS M 596 1.75 -33.13 -60.44
CA HIS M 596 0.30 -33.27 -60.48
C HIS M 596 -0.26 -33.68 -59.13
N ASP M 597 0.55 -34.32 -58.30
CA ASP M 597 0.01 -34.89 -57.08
C ASP M 597 1.07 -34.88 -55.99
N ILE M 598 0.63 -34.94 -54.74
CA ILE M 598 1.52 -34.96 -53.58
C ILE M 598 1.02 -36.00 -52.59
N HIS M 599 1.94 -36.57 -51.82
CA HIS M 599 1.61 -37.59 -50.85
C HIS M 599 2.46 -37.41 -49.60
N GLU M 600 1.82 -37.53 -48.44
CA GLU M 600 2.51 -37.42 -47.16
C GLU M 600 3.11 -38.77 -46.81
N MET M 601 4.44 -38.85 -46.83
CA MET M 601 5.10 -40.09 -46.43
C MET M 601 4.95 -40.29 -44.93
N GLU M 602 4.84 -41.55 -44.52
CA GLU M 602 4.52 -41.85 -43.14
C GLU M 602 5.68 -41.63 -42.17
N LEU M 603 6.89 -41.45 -42.69
CA LEU M 603 8.03 -41.17 -41.83
C LEU M 603 8.20 -39.67 -41.65
N ARG M 604 8.64 -39.28 -40.45
CA ARG M 604 8.98 -37.90 -40.13
C ARG M 604 9.77 -37.89 -38.84
N SER M 605 10.74 -36.99 -38.75
CA SER M 605 11.44 -36.75 -37.49
C SER M 605 11.97 -35.32 -37.48
N HIS M 606 12.50 -34.93 -36.34
CA HIS M 606 13.06 -33.59 -36.19
C HIS M 606 14.56 -33.58 -36.38
N CYS M 607 15.15 -34.68 -36.80
CA CYS M 607 16.58 -34.75 -37.10
C CYS M 607 16.69 -34.83 -38.62
N LEU M 608 16.84 -33.65 -39.24
CA LEU M 608 16.67 -33.53 -40.68
C LEU M 608 17.82 -34.17 -41.44
N ASN M 609 19.06 -33.89 -41.03
CA ASN M 609 20.22 -34.27 -41.82
C ASN M 609 20.43 -35.77 -41.88
N SER M 610 19.92 -36.49 -40.89
CA SER M 610 19.93 -37.95 -40.96
C SER M 610 18.92 -38.45 -41.98
N LEU M 611 17.74 -37.84 -42.02
CA LEU M 611 16.75 -38.19 -43.03
C LEU M 611 16.88 -37.35 -44.29
N LYS M 612 17.97 -36.61 -44.43
CA LYS M 612 18.16 -35.73 -45.58
C LYS M 612 18.26 -36.52 -46.86
N ASP M 613 19.05 -37.58 -46.86
CA ASP M 613 19.22 -38.44 -48.02
C ASP M 613 18.65 -39.84 -47.77
N ILE M 614 17.73 -39.97 -46.84
CA ILE M 614 17.20 -41.30 -46.51
C ILE M 614 16.26 -41.80 -47.60
N VAL M 615 15.69 -40.91 -48.41
CA VAL M 615 14.90 -41.36 -49.54
C VAL M 615 15.80 -41.88 -50.65
N PHE M 616 17.00 -41.34 -50.79
CA PHE M 616 17.97 -41.87 -51.73
C PHE M 616 18.76 -42.97 -51.06
N LYS M 617 19.67 -43.58 -51.84
CA LYS M 617 20.73 -44.48 -51.35
C LYS M 617 20.15 -45.72 -50.66
N ARG M 618 19.04 -46.21 -51.19
CA ARG M 618 18.37 -47.38 -50.62
C ARG M 618 19.02 -48.67 -51.09
N MET N 412 -11.95 7.23 35.56
CA MET N 412 -11.94 6.75 36.94
C MET N 412 -12.18 5.26 36.93
N ASP N 413 -12.03 4.65 35.76
CA ASP N 413 -12.33 3.24 35.57
C ASP N 413 -11.09 2.42 35.25
N GLU N 414 -10.37 2.76 34.17
CA GLU N 414 -9.15 2.08 33.81
C GLU N 414 -7.96 3.03 33.73
N VAL N 415 -8.17 4.31 34.02
CA VAL N 415 -7.05 5.21 34.22
C VAL N 415 -6.32 4.86 35.51
N ILE N 416 -7.03 4.25 36.45
CA ILE N 416 -6.48 3.95 37.77
C ILE N 416 -5.41 2.87 37.67
N VAL N 417 -5.73 1.78 36.97
CA VAL N 417 -4.77 0.71 36.81
C VAL N 417 -3.59 1.16 35.96
N GLU N 418 -3.83 2.07 35.00
CA GLU N 418 -2.72 2.60 34.22
C GLU N 418 -1.86 3.54 35.05
N TYR N 419 -2.45 4.23 36.02
CA TYR N 419 -1.67 5.06 36.93
C TYR N 419 -0.78 4.20 37.80
N ILE N 420 -1.33 3.09 38.29
CA ILE N 420 -0.55 2.17 39.11
C ILE N 420 0.58 1.56 38.29
N ARG N 421 0.31 1.28 37.01
CA ARG N 421 1.33 0.71 36.15
C ARG N 421 2.44 1.71 35.85
N ARG N 422 2.08 2.95 35.54
CA ARG N 422 3.11 3.93 35.22
C ARG N 422 3.84 4.43 36.45
N THR N 423 3.29 4.24 37.64
CA THR N 423 4.02 4.59 38.84
C THR N 423 4.90 3.47 39.36
N VAL N 424 4.46 2.22 39.17
CA VAL N 424 5.33 1.09 39.47
C VAL N 424 6.50 1.07 38.50
N LEU N 425 6.27 1.53 37.26
CA LEU N 425 7.31 1.56 36.25
C LEU N 425 8.45 2.51 36.59
N LYS N 426 8.22 3.50 37.44
CA LYS N 426 9.26 4.47 37.79
C LYS N 426 10.09 4.05 38.99
N ILE N 427 10.18 2.77 39.27
CA ILE N 427 10.90 2.23 40.42
C ILE N 427 12.10 1.48 39.87
N PRO N 428 13.20 1.33 40.60
CA PRO N 428 14.17 0.29 40.25
C PRO N 428 13.54 -1.08 40.24
N ARG N 429 14.05 -1.94 39.37
CA ARG N 429 13.54 -3.29 39.24
C ARG N 429 13.82 -4.13 40.48
N ASP N 430 14.78 -3.72 41.30
CA ASP N 430 15.21 -4.53 42.43
C ASP N 430 14.47 -4.20 43.72
N GLU N 431 13.92 -3.00 43.83
CA GLU N 431 13.19 -2.59 45.02
C GLU N 431 11.69 -2.81 44.91
N ILE N 432 11.27 -3.66 43.98
CA ILE N 432 9.84 -3.78 43.67
C ILE N 432 9.10 -4.53 44.75
N MET N 433 9.68 -5.66 45.20
CA MET N 433 9.05 -6.43 46.27
C MET N 433 9.02 -5.66 47.57
N ALA N 434 10.01 -4.80 47.80
CA ALA N 434 10.04 -3.99 49.01
C ALA N 434 8.90 -2.99 49.04
N VAL N 435 8.72 -2.24 47.95
CA VAL N 435 7.67 -1.22 47.94
C VAL N 435 6.30 -1.90 47.89
N LEU N 436 6.21 -3.08 47.29
CA LEU N 436 4.92 -3.74 47.24
C LEU N 436 4.55 -4.33 48.58
N GLN N 437 5.51 -4.91 49.30
CA GLN N 437 5.21 -5.42 50.63
C GLN N 437 5.04 -4.30 51.64
N LYS N 438 5.59 -3.11 51.36
CA LYS N 438 5.27 -1.96 52.18
C LYS N 438 3.90 -1.37 51.82
N TRP N 439 3.44 -1.61 50.60
CA TRP N 439 2.18 -1.04 50.14
C TRP N 439 1.00 -1.75 50.79
N GLY N 440 0.83 -3.02 50.48
CA GLY N 440 -0.16 -3.82 51.17
C GLY N 440 -1.60 -3.61 50.74
N PHE N 441 -1.84 -3.51 49.43
CA PHE N 441 -3.20 -3.67 48.93
C PHE N 441 -3.42 -5.10 48.45
N LEU N 442 -2.58 -5.56 47.54
CA LEU N 442 -2.63 -6.94 47.10
C LEU N 442 -2.10 -7.84 48.20
N SER N 443 -2.66 -9.04 48.29
CA SER N 443 -2.17 -10.02 49.24
C SER N 443 -0.84 -10.60 48.74
N GLU N 444 -0.02 -11.05 49.70
CA GLU N 444 1.30 -11.56 49.34
C GLU N 444 1.22 -12.89 48.61
N ALA N 445 0.15 -13.66 48.83
CA ALA N 445 -0.06 -14.85 48.02
C ALA N 445 -0.30 -14.48 46.56
N GLN N 446 -0.94 -13.35 46.30
CA GLN N 446 -1.04 -12.86 44.94
C GLN N 446 0.29 -12.35 44.44
N LEU N 447 1.16 -11.89 45.34
CA LEU N 447 2.52 -11.52 44.95
C LEU N 447 3.34 -12.74 44.59
N GLN N 448 3.02 -13.89 45.16
CA GLN N 448 3.80 -15.10 44.97
C GLN N 448 3.68 -15.72 43.58
N THR N 449 2.92 -15.13 42.66
CA THR N 449 2.76 -15.67 41.31
C THR N 449 3.28 -14.73 40.24
N ILE N 450 4.16 -13.80 40.59
CA ILE N 450 4.65 -12.77 39.67
C ILE N 450 6.14 -12.98 39.45
N ASN N 451 6.52 -13.16 38.20
CA ASN N 451 7.94 -13.25 37.87
C ASN N 451 8.54 -11.86 37.78
N PHE N 452 9.78 -11.74 38.25
CA PHE N 452 10.48 -10.46 38.25
C PHE N 452 11.72 -10.46 37.36
N ARG N 453 11.95 -11.53 36.62
CA ARG N 453 12.98 -11.53 35.59
C ARG N 453 12.48 -10.98 34.27
N GLN N 454 11.23 -10.55 34.19
CA GLN N 454 10.66 -9.97 32.98
C GLN N 454 11.16 -8.55 32.78
N THR N 455 10.66 -7.91 31.72
CA THR N 455 10.84 -6.48 31.58
C THR N 455 10.02 -5.77 32.64
N LYS N 456 10.42 -4.52 32.93
CA LYS N 456 9.66 -3.71 33.88
C LYS N 456 8.27 -3.42 33.37
N GLU N 457 8.11 -3.32 32.05
CA GLU N 457 6.79 -3.25 31.44
C GLU N 457 5.96 -4.48 31.80
N GLY N 458 6.54 -5.67 31.67
CA GLY N 458 5.78 -6.88 31.91
C GLY N 458 5.44 -7.10 33.37
N ILE N 459 6.38 -6.76 34.25
CA ILE N 459 6.12 -6.83 35.68
C ILE N 459 5.02 -5.87 36.06
N SER N 460 5.07 -4.66 35.50
CA SER N 460 4.05 -3.66 35.75
C SER N 460 2.70 -4.11 35.19
N HIS N 461 2.71 -4.76 34.04
CA HIS N 461 1.48 -5.19 33.41
C HIS N 461 0.83 -6.34 34.19
N SER N 462 1.65 -7.24 34.70
CA SER N 462 1.12 -8.35 35.50
C SER N 462 0.55 -7.86 36.82
N VAL N 463 1.28 -6.99 37.53
CA VAL N 463 0.73 -6.47 38.78
C VAL N 463 -0.40 -5.50 38.51
N ALA N 464 -0.48 -4.95 37.30
CA ALA N 464 -1.63 -4.14 36.92
C ALA N 464 -2.87 -5.01 36.78
N GLN N 465 -2.73 -6.18 36.17
CA GLN N 465 -3.88 -7.08 36.09
C GLN N 465 -4.26 -7.64 37.44
N LEU N 466 -3.28 -7.81 38.34
CA LEU N 466 -3.56 -8.23 39.70
C LEU N 466 -4.37 -7.17 40.45
N CYS N 467 -3.97 -5.91 40.31
CA CYS N 467 -4.72 -4.81 40.90
C CYS N 467 -6.09 -4.65 40.25
N GLU N 468 -6.20 -5.03 38.99
CA GLU N 468 -7.48 -4.99 38.30
C GLU N 468 -8.43 -6.02 38.87
N GLU N 469 -7.96 -7.25 39.05
CA GLU N 469 -8.84 -8.29 39.55
C GLU N 469 -9.10 -8.16 41.05
N SER N 470 -8.30 -7.39 41.78
CA SER N 470 -8.63 -7.10 43.17
C SER N 470 -9.38 -5.78 43.34
N SER N 471 -9.50 -4.98 42.27
CA SER N 471 -10.44 -3.86 42.16
C SER N 471 -10.19 -2.75 43.17
N ALA N 472 -9.01 -2.13 43.06
CA ALA N 472 -8.71 -0.91 43.80
C ALA N 472 -9.35 0.28 43.13
N ASP N 473 -9.91 1.20 43.91
CA ASP N 473 -10.50 2.37 43.28
C ASP N 473 -9.58 3.58 43.26
N LEU N 474 -9.26 4.14 44.42
CA LEU N 474 -8.46 5.36 44.41
C LEU N 474 -7.43 5.45 45.52
N LYS N 475 -7.63 4.80 46.65
CA LYS N 475 -6.83 5.12 47.82
C LYS N 475 -5.45 4.49 47.73
N GLN N 476 -5.40 3.19 47.43
CA GLN N 476 -4.14 2.46 47.45
C GLN N 476 -3.19 2.91 46.34
N ALA N 477 -3.72 3.46 45.25
CA ALA N 477 -2.86 4.05 44.23
C ALA N 477 -2.17 5.30 44.74
N ALA N 478 -2.91 6.14 45.46
CA ALA N 478 -2.28 7.32 46.05
C ALA N 478 -1.32 6.93 47.15
N LEU N 479 -1.59 5.81 47.84
CA LEU N 479 -0.60 5.28 48.76
C LEU N 479 0.65 4.85 48.03
N LEU N 480 0.52 4.25 46.84
CA LEU N 480 1.68 3.89 46.04
C LEU N 480 2.48 5.13 45.64
N ASP N 481 1.76 6.20 45.32
CA ASP N 481 2.40 7.48 45.02
C ASP N 481 3.21 8.00 46.19
N ILE N 482 2.56 8.12 47.35
CA ILE N 482 3.23 8.73 48.49
C ILE N 482 4.28 7.81 49.09
N ILE N 483 4.16 6.50 48.90
CA ILE N 483 5.18 5.61 49.42
C ILE N 483 6.39 5.61 48.49
N TYR N 484 6.16 5.72 47.18
CA TYR N 484 7.25 5.85 46.22
C TYR N 484 8.00 7.16 46.44
N ASN N 485 7.29 8.20 46.85
CA ASN N 485 7.99 9.41 47.29
C ASN N 485 8.60 9.24 48.67
N HIS N 486 8.04 8.37 49.52
CA HIS N 486 8.57 8.15 50.85
C HIS N 486 9.90 7.41 50.79
N ILE N 487 10.10 6.60 49.77
CA ILE N 487 11.40 5.99 49.54
C ILE N 487 12.27 6.87 48.66
N TYR N 488 11.67 7.54 47.69
CA TYR N 488 12.42 8.37 46.75
C TYR N 488 11.84 9.78 46.78
N PRO N 489 12.30 10.62 47.71
CA PRO N 489 11.86 12.03 47.71
C PRO N 489 12.77 12.96 46.93
N ASN N 490 13.93 12.50 46.48
CA ASN N 490 14.87 13.35 45.76
C ASN N 490 14.62 13.35 44.27
N LYS N 491 13.48 12.84 43.82
CA LYS N 491 13.05 12.98 42.45
C LYS N 491 12.06 14.14 42.29
N ARG N 492 12.23 15.16 43.11
CA ARG N 492 11.40 16.36 43.06
C ARG N 492 12.30 17.58 43.15
N VAL N 493 11.70 18.75 43.32
CA VAL N 493 12.41 19.96 43.74
C VAL N 493 11.60 20.55 44.88
N TRP N 494 12.22 20.66 46.05
CA TRP N 494 11.49 20.93 47.28
C TRP N 494 11.73 22.36 47.74
N SER N 495 10.65 23.11 47.89
CA SER N 495 10.70 24.44 48.47
C SER N 495 10.29 24.37 49.92
N VAL N 496 10.72 25.38 50.69
CA VAL N 496 10.41 25.47 52.11
C VAL N 496 9.73 26.80 52.38
N TYR N 497 8.58 26.75 53.03
CA TYR N 497 7.85 27.95 53.39
C TYR N 497 7.90 28.11 54.90
N HIS N 498 8.39 29.25 55.34
CA HIS N 498 8.42 29.60 56.75
C HIS N 498 7.15 30.34 57.12
N MET N 499 6.49 29.90 58.17
CA MET N 499 5.24 30.51 58.56
C MET N 499 5.38 31.14 59.94
N ASN N 500 4.31 31.79 60.40
CA ASN N 500 4.29 32.44 61.71
C ASN N 500 2.83 32.65 62.12
N LYS N 501 2.65 33.32 63.25
CA LYS N 501 1.33 33.73 63.69
C LYS N 501 1.05 35.14 63.20
N PHE N 511 -4.68 15.92 64.56
CA PHE N 511 -4.51 15.80 63.12
C PHE N 511 -5.80 15.42 62.42
N ARG N 512 -6.77 14.84 63.14
CA ARG N 512 -8.04 14.48 62.52
C ARG N 512 -8.83 15.72 62.13
N ASP N 513 -8.98 16.66 63.05
CA ASP N 513 -9.60 17.93 62.73
C ASP N 513 -8.77 18.72 61.73
N PHE N 514 -7.44 18.53 61.77
CA PHE N 514 -6.56 19.19 60.81
C PHE N 514 -6.85 18.76 59.40
N LYS N 515 -6.88 17.45 59.15
CA LYS N 515 -7.16 16.96 57.81
C LYS N 515 -8.61 17.18 57.43
N LYS N 516 -9.53 17.23 58.42
CA LYS N 516 -10.93 17.47 58.10
C LYS N 516 -11.15 18.91 57.65
N LYS N 517 -10.60 19.87 58.39
CA LYS N 517 -10.71 21.27 57.98
C LYS N 517 -9.93 21.52 56.72
N PHE N 518 -8.85 20.76 56.49
CA PHE N 518 -8.10 20.90 55.26
C PHE N 518 -8.89 20.43 54.04
N ARG N 519 -9.57 19.28 54.17
CA ARG N 519 -10.41 18.79 53.08
C ARG N 519 -11.59 19.71 52.83
N ARG N 520 -12.18 20.24 53.90
CA ARG N 520 -13.33 21.12 53.72
C ARG N 520 -12.94 22.49 53.20
N GLN N 521 -11.70 22.92 53.41
CA GLN N 521 -11.29 24.24 53.01
C GLN N 521 -10.41 24.25 51.77
N ILE N 522 -10.06 23.08 51.24
CA ILE N 522 -9.46 23.02 49.91
C ILE N 522 -10.50 22.80 48.84
N GLN N 523 -11.71 22.36 49.20
CA GLN N 523 -12.80 22.29 48.25
C GLN N 523 -13.58 23.60 48.24
N SER N 524 -12.84 24.70 48.13
CA SER N 524 -13.41 26.03 48.27
C SER N 524 -13.69 26.67 46.92
N ALA N 525 -12.64 26.86 46.11
CA ALA N 525 -12.83 27.35 44.75
C ALA N 525 -12.73 26.25 43.72
N LEU N 526 -12.05 25.15 44.02
CA LEU N 526 -11.92 24.03 43.12
C LEU N 526 -12.51 22.80 43.81
N ILE N 527 -13.34 22.06 43.09
CA ILE N 527 -14.18 21.05 43.73
C ILE N 527 -13.65 19.66 43.49
N ASN N 528 -13.53 19.26 42.22
CA ASN N 528 -13.14 17.90 41.88
C ASN N 528 -11.62 17.77 42.03
N VAL N 529 -11.18 17.72 43.29
CA VAL N 529 -9.78 17.68 43.66
C VAL N 529 -9.55 16.46 44.54
N THR N 530 -8.47 15.74 44.32
CA THR N 530 -8.17 14.55 45.12
C THR N 530 -7.11 14.89 46.16
N ILE N 531 -7.39 14.54 47.42
CA ILE N 531 -6.52 14.88 48.54
C ILE N 531 -6.26 13.60 49.32
N ASN N 532 -5.02 13.42 49.77
CA ASN N 532 -4.71 12.25 50.59
C ASN N 532 -3.62 12.59 51.59
N PHE N 533 -3.54 11.76 52.64
CA PHE N 533 -2.80 12.07 53.85
C PHE N 533 -1.97 10.88 54.30
N ARG N 534 -0.78 11.15 54.81
CA ARG N 534 0.13 10.13 55.30
C ARG N 534 0.77 10.64 56.58
N GLU N 535 0.38 10.08 57.71
CA GLU N 535 0.85 10.57 58.99
C GLU N 535 2.10 9.81 59.43
N TYR N 536 3.04 10.54 60.02
CA TYR N 536 4.26 9.98 60.55
C TYR N 536 4.39 10.35 62.03
N GLU N 537 5.32 9.69 62.71
CA GLU N 537 5.49 9.87 64.15
C GLU N 537 6.30 11.10 64.52
N ASP N 538 6.99 11.71 63.56
CA ASP N 538 7.84 12.88 63.82
C ASP N 538 7.10 14.18 63.55
N ASN N 539 5.78 14.19 63.83
CA ASN N 539 4.79 15.21 63.49
C ASN N 539 4.56 15.34 62.00
N ALA N 540 5.20 14.51 61.18
CA ALA N 540 5.25 14.69 59.74
C ALA N 540 3.96 14.18 59.10
N ILE N 541 3.29 15.06 58.38
CA ILE N 541 2.16 14.70 57.55
C ILE N 541 2.54 15.01 56.11
N TRP N 542 2.30 14.04 55.23
CA TRP N 542 2.51 14.15 53.80
C TRP N 542 1.15 14.23 53.15
N ILE N 543 0.84 15.36 52.54
CA ILE N 543 -0.43 15.55 51.88
C ILE N 543 -0.17 15.56 50.39
N ARG N 544 -0.78 14.60 49.71
CA ARG N 544 -0.74 14.52 48.25
C ARG N 544 -1.98 15.17 47.69
N ILE N 545 -1.77 16.11 46.78
CA ILE N 545 -2.85 16.87 46.18
C ILE N 545 -2.81 16.62 44.69
N ALA N 546 -3.79 15.89 44.20
CA ALA N 546 -4.01 15.74 42.76
C ALA N 546 -5.00 16.82 42.34
N TRP N 547 -4.52 17.75 41.52
CA TRP N 547 -5.21 18.99 41.21
C TRP N 547 -6.23 18.82 40.09
N GLY N 548 -7.11 19.80 39.97
CA GLY N 548 -8.10 19.82 38.91
C GLY N 548 -9.03 21.00 39.09
N THR N 549 -9.77 21.30 38.03
CA THR N 549 -10.72 22.39 37.99
C THR N 549 -12.10 21.90 38.38
N PRO N 550 -13.07 22.80 38.52
CA PRO N 550 -14.47 22.34 38.58
C PRO N 550 -14.98 21.72 37.30
N TYR N 551 -14.32 21.96 36.16
CA TYR N 551 -14.68 21.31 34.91
C TYR N 551 -13.88 20.03 34.66
N THR N 552 -12.56 20.12 34.77
CA THR N 552 -11.68 19.02 34.43
C THR N 552 -11.68 17.98 35.55
N LYS N 553 -11.58 16.71 35.17
CA LYS N 553 -11.32 15.65 36.12
C LYS N 553 -9.96 15.89 36.79
N PRO N 554 -9.80 15.44 38.03
CA PRO N 554 -8.54 15.67 38.75
C PRO N 554 -7.40 14.86 38.15
N ASN N 555 -6.33 15.55 37.76
CA ASN N 555 -5.18 14.91 37.14
C ASN N 555 -4.30 14.25 38.19
N GLN N 556 -3.75 13.09 37.83
CA GLN N 556 -2.97 12.31 38.78
C GLN N 556 -1.48 12.42 38.54
N TYR N 557 -1.04 13.26 37.61
CA TYR N 557 0.36 13.36 37.28
C TYR N 557 0.88 14.77 37.48
N LYS N 558 0.05 15.67 37.99
CA LYS N 558 0.46 17.03 38.31
C LYS N 558 0.33 17.24 39.81
N THR N 559 0.80 16.26 40.58
CA THR N 559 0.58 16.21 42.00
C THR N 559 1.43 17.25 42.73
N SER N 560 0.99 17.60 43.93
CA SER N 560 1.76 18.44 44.84
C SER N 560 1.83 17.76 46.20
N TYR N 561 2.92 18.02 46.92
CA TYR N 561 3.10 17.39 48.21
C TYR N 561 3.41 18.41 49.28
N VAL N 562 2.80 18.20 50.44
CA VAL N 562 3.00 19.04 51.61
C VAL N 562 3.60 18.15 52.70
N VAL N 563 4.76 18.55 53.21
CA VAL N 563 5.38 17.86 54.34
C VAL N 563 5.40 18.83 55.50
N TYR N 564 4.64 18.51 56.54
CA TYR N 564 4.43 19.45 57.63
C TYR N 564 4.63 18.76 58.96
N HIS N 565 5.25 19.46 59.91
CA HIS N 565 5.34 18.99 61.28
C HIS N 565 4.64 19.98 62.20
N SER N 566 3.83 19.46 63.10
CA SER N 566 3.00 20.28 63.98
C SER N 566 3.78 20.90 65.14
N GLN N 567 5.11 20.92 65.09
CA GLN N 567 5.90 21.63 66.09
C GLN N 567 6.88 22.62 65.46
N THR N 568 6.76 22.90 64.17
CA THR N 568 7.67 23.81 63.52
C THR N 568 6.89 24.85 62.72
N PRO N 569 7.46 26.04 62.53
CA PRO N 569 6.87 27.01 61.60
C PRO N 569 7.32 26.84 60.16
N TYR N 570 7.85 25.67 59.84
CA TYR N 570 8.38 25.38 58.51
C TYR N 570 7.60 24.26 57.86
N VAL N 571 7.38 24.39 56.56
CA VAL N 571 6.63 23.39 55.80
C VAL N 571 7.35 23.19 54.47
N PHE N 572 7.22 21.99 53.92
CA PHE N 572 7.88 21.62 52.70
C PHE N 572 6.86 21.43 51.59
N ILE N 573 7.20 21.91 50.40
CA ILE N 573 6.27 22.03 49.31
C ILE N 573 6.93 21.49 48.05
N SER N 574 6.28 20.52 47.42
CA SER N 574 6.70 20.06 46.09
C SER N 574 5.99 20.94 45.09
N ALA N 575 6.67 21.97 44.63
CA ALA N 575 6.05 22.98 43.77
C ALA N 575 5.86 22.39 42.38
N SER N 576 4.62 22.02 42.08
CA SER N 576 4.34 21.33 40.83
C SER N 576 4.34 22.30 39.65
N VAL N 577 4.21 21.72 38.46
CA VAL N 577 4.01 22.52 37.26
C VAL N 577 2.60 23.04 37.14
N LEU N 578 1.69 22.60 38.01
CA LEU N 578 0.38 23.23 38.14
C LEU N 578 0.45 24.36 39.16
N ARG N 579 1.20 25.38 38.78
CA ARG N 579 1.32 26.57 39.60
C ARG N 579 0.04 27.40 39.50
N SER N 580 0.05 28.53 40.21
CA SER N 580 -1.13 29.35 40.50
C SER N 580 -2.23 28.52 41.15
N ASN N 581 -1.83 27.54 41.96
CA ASN N 581 -2.73 26.87 42.88
C ASN N 581 -2.00 26.83 44.21
N LEU N 582 -0.68 26.88 44.13
CA LEU N 582 0.12 26.99 45.35
C LEU N 582 -0.15 28.25 46.18
N PRO N 583 -0.62 29.40 45.67
CA PRO N 583 -1.14 30.40 46.61
C PRO N 583 -2.36 29.92 47.37
N LEU N 584 -3.31 29.30 46.65
CA LEU N 584 -4.47 28.73 47.31
C LEU N 584 -4.09 27.59 48.23
N LEU N 585 -3.07 26.83 47.83
CA LEU N 585 -2.59 25.73 48.67
C LEU N 585 -1.98 26.25 49.96
N CYS N 586 -1.13 27.29 49.89
CA CYS N 586 -0.50 27.73 51.10
C CYS N 586 -1.47 28.50 51.99
N GLN N 587 -2.45 29.18 51.40
CA GLN N 587 -3.44 29.87 52.22
C GLN N 587 -4.34 28.88 52.95
N ALA N 588 -4.79 27.83 52.26
CA ALA N 588 -5.57 26.81 52.96
C ALA N 588 -4.71 25.97 53.89
N MET N 589 -3.40 25.91 53.65
CA MET N 589 -2.51 25.24 54.60
C MET N 589 -2.36 26.05 55.88
N VAL N 590 -2.21 27.36 55.75
CA VAL N 590 -2.05 28.21 56.93
C VAL N 590 -3.36 28.27 57.72
N VAL N 591 -4.47 28.51 57.03
CA VAL N 591 -5.76 28.60 57.70
C VAL N 591 -6.20 27.24 58.21
N ALA N 592 -5.79 26.16 57.53
CA ALA N 592 -6.05 24.83 58.04
C ALA N 592 -5.22 24.56 59.29
N SER N 593 -4.06 25.19 59.40
CA SER N 593 -3.27 25.08 60.61
C SER N 593 -3.63 26.20 61.59
N ASN N 594 -2.96 26.21 62.73
CA ASN N 594 -3.18 27.24 63.74
C ASN N 594 -2.19 28.39 63.56
N TYR N 595 -2.16 28.98 62.38
CA TYR N 595 -1.17 30.00 62.08
C TYR N 595 -1.80 31.08 61.23
N HIS N 596 -1.06 32.16 61.05
CA HIS N 596 -1.60 33.32 60.37
C HIS N 596 -0.70 33.86 59.26
N ASP N 597 0.62 33.84 59.46
CA ASP N 597 1.57 34.42 58.53
C ASP N 597 2.19 33.32 57.69
N ILE N 598 2.37 33.59 56.39
CA ILE N 598 3.06 32.67 55.48
C ILE N 598 4.16 33.43 54.76
N HIS N 599 5.23 32.73 54.41
CA HIS N 599 6.44 33.37 53.91
C HIS N 599 7.20 32.30 53.17
N GLU N 600 7.84 32.65 52.06
CA GLU N 600 8.67 31.66 51.38
C GLU N 600 10.14 31.95 51.62
N MET N 601 10.84 30.97 52.20
CA MET N 601 12.29 31.07 52.28
C MET N 601 12.89 30.85 50.89
N GLU N 602 14.03 31.48 50.65
CA GLU N 602 14.60 31.55 49.32
C GLU N 602 15.23 30.24 48.85
N LEU N 603 15.44 29.29 49.75
CA LEU N 603 16.19 28.09 49.42
C LEU N 603 15.27 26.99 48.93
N ARG N 604 15.70 26.33 47.85
CA ARG N 604 15.04 25.13 47.35
C ARG N 604 16.14 24.18 46.91
N SER N 605 15.91 22.88 47.05
CA SER N 605 16.85 21.92 46.51
C SER N 605 16.12 20.64 46.17
N HIS N 606 16.73 19.87 45.29
CA HIS N 606 16.23 18.60 44.83
C HIS N 606 16.59 17.46 45.77
N CYS N 607 17.21 17.75 46.91
CA CYS N 607 17.44 16.77 47.97
C CYS N 607 16.63 17.21 49.18
N LEU N 608 15.59 16.43 49.49
CA LEU N 608 14.64 16.81 50.53
C LEU N 608 15.30 16.82 51.90
N ASN N 609 16.04 15.76 52.22
CA ASN N 609 16.53 15.55 53.57
C ASN N 609 17.59 16.57 53.96
N SER N 610 18.26 17.17 52.97
CA SER N 610 19.20 18.25 53.24
C SER N 610 18.50 19.46 53.86
N LEU N 611 17.45 19.94 53.20
CA LEU N 611 16.69 21.04 53.76
C LEU N 611 15.98 20.62 55.04
N LYS N 612 15.59 19.34 55.11
CA LYS N 612 14.94 18.81 56.30
C LYS N 612 15.83 18.92 57.53
N ASP N 613 17.08 18.48 57.41
CA ASP N 613 17.92 18.51 58.59
C ASP N 613 18.48 19.90 58.85
N ILE N 614 18.74 20.70 57.81
CA ILE N 614 19.23 22.05 58.09
C ILE N 614 18.13 22.99 58.57
N VAL N 615 16.87 22.61 58.48
CA VAL N 615 15.82 23.41 59.09
C VAL N 615 15.28 22.78 60.37
N PHE N 616 15.53 21.50 60.61
CA PHE N 616 15.24 20.98 61.93
C PHE N 616 16.33 21.37 62.92
N LYS N 617 17.59 21.39 62.47
CA LYS N 617 18.68 21.82 63.33
C LYS N 617 18.63 23.32 63.53
N ARG N 618 18.49 24.08 62.44
CA ARG N 618 18.51 25.53 62.52
C ARG N 618 17.13 26.13 62.31
#